data_4DJK
#
_entry.id   4DJK
#
_cell.length_a   71.962
_cell.length_b   106.408
_cell.length_c   185.982
_cell.angle_alpha   90.00
_cell.angle_beta   90.00
_cell.angle_gamma   90.00
#
_symmetry.space_group_name_H-M   'P 21 21 21'
#
_entity_poly.entity_id   1
_entity_poly.type   'polypeptide(L)'
_entity_poly.pdbx_seq_one_letter_code
;MATSVQTGKAKQLTLLGFFAITASMVMAVYEYPTFATSGFSLVFFLLLGGILWFIPVGLCAAEMATVDGWEEGGVFAWVS
NTLGPRWGFAAISFGYLQIAIGFIPMLYFVLGALSYILKWPALNEDPITKTIAALIILWALALTQFGGTKYTARIAKVGF
FAGILLPAFILIALAAIYLHSGAPVAIEMDSKTFFPDFSKVGTLVVFVAFILSYMGVEASATHVNEMSNPGRDYPLAMLL
LMVAAICLSSVGGLSIAMVIPGNEINLSAGVMQTFTVLMSHVAPEIEWTVRVISALLLLGVLAEIASWIVGPSRGMYVTA
QKNLLPAAFAKMNKNGVPVTLVISQLVITSIALIILTNTGGGNNMSFLIALALTVVIYLCAYFMLFIGYIVLVLKHPDLK
RTFNIPGGKGVKLVVAIVGLLTSIMAFIVSFLPPDNIQGDSTDMYVELLVVSFLVVLALPFILYAVHDRKGKANTGVTLE
PINSQNAPKGHFFLHPRARSPHYIVMNDKKH
;
_entity_poly.pdbx_strand_id   A,B
#
# COMPACT_ATOMS: atom_id res chain seq x y z
N GLN A 12 28.05 -1.85 -24.76
CA GLN A 12 28.66 -1.65 -23.45
C GLN A 12 28.89 -0.18 -23.05
N LEU A 13 28.59 0.11 -21.79
CA LEU A 13 28.79 1.40 -21.14
C LEU A 13 29.00 1.02 -19.67
N THR A 14 30.06 1.52 -19.05
CA THR A 14 30.44 1.03 -17.73
C THR A 14 29.69 1.65 -16.55
N LEU A 15 29.84 1.03 -15.37
CA LEU A 15 29.19 1.51 -14.14
C LEU A 15 29.36 3.02 -13.96
N LEU A 16 30.59 3.50 -14.15
CA LEU A 16 30.85 4.93 -14.13
C LEU A 16 29.95 5.62 -15.14
N GLY A 17 29.76 4.97 -16.28
CA GLY A 17 28.96 5.52 -17.36
C GLY A 17 27.56 5.84 -16.87
N PHE A 18 26.91 4.85 -16.31
CA PHE A 18 25.59 5.08 -15.77
C PHE A 18 25.66 6.16 -14.68
N PHE A 19 26.63 6.04 -13.78
CA PHE A 19 26.74 6.99 -12.67
C PHE A 19 27.03 8.39 -13.16
N ALA A 20 27.21 8.54 -14.47
CA ALA A 20 27.41 9.85 -15.08
C ALA A 20 26.14 10.26 -15.82
N ILE A 21 25.93 9.65 -16.98
CA ILE A 21 24.75 9.93 -17.78
C ILE A 21 23.48 10.22 -16.95
N THR A 22 23.37 9.63 -15.75
CA THR A 22 22.24 9.97 -14.88
C THR A 22 22.64 10.85 -13.69
N ALA A 23 23.93 11.07 -13.48
CA ALA A 23 24.40 11.73 -12.26
C ALA A 23 23.77 13.10 -12.15
N SER A 24 23.18 13.54 -13.26
CA SER A 24 22.52 14.84 -13.31
C SER A 24 21.85 15.22 -11.99
N MET A 25 21.30 14.23 -11.28
CA MET A 25 20.39 14.47 -10.15
C MET A 25 20.97 14.33 -8.74
N VAL A 26 22.29 14.24 -8.63
CA VAL A 26 22.95 14.20 -7.32
C VAL A 26 22.89 15.56 -6.59
N MET A 27 22.70 16.65 -7.34
CA MET A 27 22.55 17.97 -6.71
C MET A 27 21.08 18.27 -6.46
N ALA A 28 20.75 18.71 -5.24
CA ALA A 28 19.36 18.90 -4.84
C ALA A 28 19.09 20.25 -4.20
N VAL A 29 19.79 21.28 -4.65
CA VAL A 29 19.78 22.55 -3.92
C VAL A 29 18.37 23.03 -3.50
N TYR A 30 17.52 23.35 -4.45
CA TYR A 30 16.22 23.96 -4.16
C TYR A 30 15.64 23.33 -2.92
N GLU A 31 16.04 22.08 -2.71
CA GLU A 31 15.55 21.30 -1.58
C GLU A 31 16.41 21.53 -0.33
N TYR A 32 17.66 21.94 -0.51
CA TYR A 32 18.58 22.14 0.62
C TYR A 32 18.02 22.93 1.82
N PRO A 33 17.34 24.05 1.56
CA PRO A 33 16.73 24.80 2.67
C PRO A 33 15.92 23.91 3.63
N THR A 34 14.96 23.16 3.11
CA THR A 34 14.07 22.37 3.95
C THR A 34 14.75 21.17 4.65
N PHE A 35 15.74 20.57 4.00
CA PHE A 35 16.45 19.44 4.62
C PHE A 35 16.96 19.77 6.02
N ALA A 36 17.36 21.02 6.25
CA ALA A 36 17.88 21.41 7.55
C ALA A 36 16.83 21.34 8.67
N THR A 37 15.59 21.64 8.33
CA THR A 37 14.55 21.75 9.33
C THR A 37 14.38 20.42 10.05
N SER A 38 15.04 19.40 9.53
CA SER A 38 15.04 18.10 10.19
C SER A 38 16.11 18.08 11.26
N GLY A 39 17.08 18.97 11.14
CA GLY A 39 18.23 18.94 12.02
C GLY A 39 19.05 17.72 11.65
N PHE A 40 19.89 17.25 12.57
CA PHE A 40 20.80 16.15 12.25
C PHE A 40 20.05 14.97 11.65
N SER A 41 18.75 14.87 11.94
CA SER A 41 17.94 13.77 11.44
C SER A 41 17.79 13.76 9.90
N LEU A 42 18.44 14.70 9.23
CA LEU A 42 18.36 14.77 7.78
C LEU A 42 19.31 13.81 7.07
N VAL A 43 20.38 13.40 7.74
CA VAL A 43 21.15 12.26 7.25
C VAL A 43 20.19 11.07 7.21
N PHE A 44 19.35 10.96 8.24
CA PHE A 44 18.43 9.84 8.36
C PHE A 44 17.56 9.74 7.13
N PHE A 45 16.68 10.71 6.95
CA PHE A 45 15.70 10.63 5.87
C PHE A 45 16.35 10.27 4.54
N LEU A 46 17.62 10.64 4.37
CA LEU A 46 18.35 10.35 3.14
C LEU A 46 18.69 8.88 2.95
N LEU A 47 19.04 8.18 4.04
CA LEU A 47 19.30 6.74 3.96
C LEU A 47 17.98 6.03 3.74
N LEU A 48 16.96 6.51 4.44
CA LEU A 48 15.61 6.02 4.26
C LEU A 48 15.27 6.06 2.77
N GLY A 49 15.21 7.26 2.20
CA GLY A 49 14.81 7.43 0.81
C GLY A 49 15.62 6.62 -0.18
N GLY A 50 16.89 6.40 0.18
CA GLY A 50 17.82 5.76 -0.72
C GLY A 50 17.70 4.26 -0.72
N ILE A 51 17.67 3.67 0.48
CA ILE A 51 17.58 2.22 0.62
C ILE A 51 16.17 1.76 0.31
N LEU A 52 15.19 2.41 0.92
CA LEU A 52 13.84 1.93 0.88
C LEU A 52 13.02 2.39 -0.32
N TRP A 53 13.47 3.46 -0.98
CA TRP A 53 12.74 3.93 -2.14
C TRP A 53 13.58 4.07 -3.41
N PHE A 54 14.62 4.89 -3.35
CA PHE A 54 15.51 5.08 -4.50
C PHE A 54 15.94 3.76 -5.15
N ILE A 55 16.71 2.96 -4.41
CA ILE A 55 17.21 1.70 -4.94
C ILE A 55 16.11 0.77 -5.41
N PRO A 56 14.96 0.73 -4.69
CA PRO A 56 13.89 -0.15 -5.17
C PRO A 56 13.27 0.36 -6.46
N VAL A 57 12.93 1.64 -6.51
CA VAL A 57 12.40 2.23 -7.75
C VAL A 57 13.33 2.00 -8.93
N GLY A 58 14.61 2.28 -8.71
CA GLY A 58 15.63 1.87 -9.67
C GLY A 58 15.49 0.40 -10.05
N LEU A 59 15.98 -0.50 -9.20
CA LEU A 59 15.96 -1.93 -9.50
C LEU A 59 14.73 -2.40 -10.31
N CYS A 60 13.53 -2.11 -9.83
CA CYS A 60 12.34 -2.51 -10.58
C CYS A 60 12.29 -1.85 -11.97
N ALA A 61 12.26 -0.52 -12.01
CA ALA A 61 12.02 0.15 -13.30
C ALA A 61 13.03 -0.32 -14.30
N ALA A 62 14.18 -0.75 -13.79
CA ALA A 62 15.22 -1.35 -14.62
C ALA A 62 14.74 -2.70 -15.17
N GLU A 63 14.61 -3.71 -14.31
CA GLU A 63 14.23 -5.03 -14.81
C GLU A 63 13.06 -4.94 -15.79
N MET A 64 12.26 -3.89 -15.69
CA MET A 64 11.13 -3.75 -16.60
C MET A 64 11.53 -3.11 -17.93
N ALA A 65 12.42 -2.11 -17.87
CA ALA A 65 12.88 -1.43 -19.09
C ALA A 65 13.71 -2.31 -20.04
N THR A 66 13.91 -3.58 -19.68
CA THR A 66 14.81 -4.42 -20.45
C THR A 66 14.20 -5.69 -21.05
N VAL A 67 13.15 -5.55 -21.84
CA VAL A 67 12.79 -6.56 -22.85
C VAL A 67 11.36 -6.48 -23.40
N ASP A 68 10.45 -5.88 -22.63
CA ASP A 68 9.03 -5.83 -23.03
C ASP A 68 8.89 -5.35 -24.48
N GLY A 69 9.17 -4.08 -24.76
CA GLY A 69 9.63 -3.13 -23.77
C GLY A 69 10.01 -1.87 -24.49
N TRP A 70 10.49 -0.86 -23.75
CA TRP A 70 10.99 0.38 -24.31
C TRP A 70 9.88 1.27 -24.89
N GLY A 74 9.01 4.37 -22.32
CA GLY A 74 9.22 4.85 -20.97
C GLY A 74 8.48 4.06 -19.91
N VAL A 75 7.94 4.76 -18.90
CA VAL A 75 7.08 4.11 -17.91
C VAL A 75 5.72 3.82 -18.55
N PHE A 76 5.35 4.65 -19.52
CA PHE A 76 4.11 4.41 -20.28
C PHE A 76 4.17 2.98 -20.75
N ALA A 77 5.30 2.62 -21.35
CA ALA A 77 5.45 1.29 -21.89
C ALA A 77 5.29 0.25 -20.80
N TRP A 78 6.04 0.36 -19.71
CA TRP A 78 6.06 -0.70 -18.70
C TRP A 78 4.71 -0.91 -17.98
N VAL A 79 4.11 0.18 -17.52
CA VAL A 79 2.80 0.07 -16.88
C VAL A 79 1.75 -0.36 -17.90
N SER A 80 1.81 0.18 -19.11
CA SER A 80 0.89 -0.24 -20.17
C SER A 80 0.94 -1.75 -20.41
N ASN A 81 2.15 -2.27 -20.68
CA ASN A 81 2.38 -3.70 -20.83
C ASN A 81 1.75 -4.49 -19.68
N THR A 82 1.97 -4.06 -18.43
CA THR A 82 1.49 -4.88 -17.31
C THR A 82 0.05 -4.70 -16.78
N LEU A 83 -0.59 -3.56 -17.00
CA LEU A 83 -1.95 -3.39 -16.52
C LEU A 83 -2.85 -2.64 -17.47
N GLY A 84 -2.52 -2.64 -18.75
CA GLY A 84 -3.41 -2.07 -19.75
C GLY A 84 -3.02 -0.72 -20.33
N PRO A 85 -3.84 -0.19 -21.26
CA PRO A 85 -3.55 1.09 -21.91
C PRO A 85 -3.86 2.26 -20.99
N ARG A 86 -5.03 2.23 -20.37
CA ARG A 86 -5.49 3.29 -19.48
C ARG A 86 -4.49 3.54 -18.36
N TRP A 87 -4.15 2.48 -17.65
CA TRP A 87 -3.34 2.66 -16.46
C TRP A 87 -1.92 3.21 -16.81
N GLY A 88 -1.34 2.70 -17.89
CA GLY A 88 -0.08 3.22 -18.37
C GLY A 88 -0.18 4.70 -18.72
N PHE A 89 -1.11 5.02 -19.61
CA PHE A 89 -1.33 6.39 -20.00
C PHE A 89 -1.39 7.35 -18.82
N ALA A 90 -2.25 7.03 -17.86
CA ALA A 90 -2.31 7.87 -16.68
C ALA A 90 -0.93 7.99 -16.06
N ALA A 91 -0.24 6.84 -15.96
CA ALA A 91 1.08 6.81 -15.32
C ALA A 91 1.96 7.89 -15.89
N ILE A 92 2.03 7.95 -17.21
CA ILE A 92 2.83 8.99 -17.87
C ILE A 92 2.29 10.40 -17.53
N SER A 93 0.98 10.58 -17.63
CA SER A 93 0.37 11.87 -17.36
C SER A 93 0.70 12.42 -15.96
N PHE A 94 0.92 11.53 -15.01
CA PHE A 94 1.38 11.98 -13.72
C PHE A 94 2.87 12.29 -13.79
N GLY A 95 3.63 11.40 -14.43
CA GLY A 95 5.04 11.67 -14.71
C GLY A 95 5.31 12.88 -15.63
N TYR A 96 4.28 13.70 -15.82
CA TYR A 96 4.35 14.90 -16.63
C TYR A 96 3.77 16.07 -15.86
N LEU A 97 2.58 15.87 -15.32
CA LEU A 97 1.95 16.88 -14.49
C LEU A 97 2.84 17.19 -13.29
N GLN A 98 3.50 16.16 -12.78
CA GLN A 98 4.36 16.32 -11.63
C GLN A 98 5.48 17.29 -11.92
N ILE A 99 5.69 17.55 -13.21
CA ILE A 99 6.59 18.61 -13.68
C ILE A 99 5.82 19.90 -13.80
N ALA A 100 4.78 19.90 -14.64
CA ALA A 100 3.88 21.06 -14.73
C ALA A 100 3.62 21.74 -13.37
N ILE A 101 4.00 21.07 -12.28
CA ILE A 101 3.95 21.68 -10.96
C ILE A 101 5.30 21.69 -10.28
N GLY A 102 6.00 20.55 -10.33
CA GLY A 102 7.30 20.40 -9.71
C GLY A 102 8.18 21.60 -9.97
N PHE A 103 7.67 22.46 -10.85
CA PHE A 103 8.27 23.73 -11.26
C PHE A 103 8.32 24.70 -10.10
N ILE A 104 7.20 24.78 -9.38
CA ILE A 104 6.94 25.92 -8.51
C ILE A 104 8.03 26.18 -7.47
N PRO A 105 8.41 25.14 -6.72
CA PRO A 105 9.48 25.30 -5.74
C PRO A 105 10.67 26.00 -6.34
N MET A 106 10.98 25.67 -7.59
CA MET A 106 12.09 26.33 -8.28
C MET A 106 11.82 27.81 -8.49
N LEU A 107 10.68 28.16 -9.07
CA LEU A 107 10.30 29.57 -9.14
C LEU A 107 10.43 30.33 -7.80
N TYR A 108 10.08 29.69 -6.70
CA TYR A 108 10.25 30.33 -5.39
C TYR A 108 11.72 30.51 -5.09
N PHE A 109 12.53 29.54 -5.52
CA PHE A 109 13.95 29.62 -5.25
C PHE A 109 14.61 30.66 -6.13
N VAL A 110 13.99 30.91 -7.27
CA VAL A 110 14.41 31.95 -8.20
C VAL A 110 14.07 33.27 -7.55
N LEU A 111 12.81 33.43 -7.20
CA LEU A 111 12.36 34.68 -6.66
C LEU A 111 13.14 34.96 -5.38
N GLY A 112 13.63 33.90 -4.76
CA GLY A 112 14.46 34.01 -3.57
C GLY A 112 15.84 34.55 -3.87
N ALA A 113 16.53 33.92 -4.81
CA ALA A 113 17.85 34.44 -5.17
C ALA A 113 17.77 35.91 -5.69
N LEU A 114 16.74 36.21 -6.47
CA LEU A 114 16.52 37.59 -6.90
C LEU A 114 16.21 38.45 -5.70
N SER A 115 15.68 37.84 -4.66
CA SER A 115 15.40 38.55 -3.41
C SER A 115 16.70 39.03 -2.79
N TYR A 116 17.72 38.17 -2.81
CA TYR A 116 19.01 38.62 -2.31
C TYR A 116 19.88 39.34 -3.38
N ILE A 117 19.31 39.59 -4.57
CA ILE A 117 19.93 40.56 -5.49
C ILE A 117 19.20 41.95 -5.61
N LEU A 118 18.23 42.12 -6.52
CA LEU A 118 17.54 43.42 -6.70
C LEU A 118 17.20 44.13 -5.38
N LYS A 119 17.65 43.54 -4.27
CA LYS A 119 17.40 44.07 -2.92
C LYS A 119 15.94 44.41 -2.71
N TRP A 120 15.25 43.39 -2.19
CA TRP A 120 13.82 43.30 -2.24
C TRP A 120 13.47 42.04 -1.49
N PRO A 121 13.01 42.18 -0.24
CA PRO A 121 12.42 40.99 0.39
C PRO A 121 11.04 40.78 -0.20
N ALA A 122 10.46 41.84 -0.77
CA ALA A 122 9.11 41.79 -1.33
C ALA A 122 8.89 40.61 -2.28
N LEU A 123 9.98 40.09 -2.82
CA LEU A 123 9.92 38.92 -3.68
C LEU A 123 9.70 37.60 -2.93
N ASN A 124 10.49 37.37 -1.87
CA ASN A 124 10.40 36.12 -1.15
C ASN A 124 9.32 36.08 -0.07
N GLU A 125 8.65 37.22 0.17
CA GLU A 125 7.55 37.26 1.13
C GLU A 125 6.21 37.65 0.54
N ASP A 126 6.11 38.92 0.13
CA ASP A 126 4.82 39.56 -0.10
C ASP A 126 4.26 39.45 -1.53
N PRO A 127 3.34 38.47 -1.77
CA PRO A 127 2.48 38.52 -2.95
C PRO A 127 1.56 39.76 -2.90
N ILE A 128 0.93 40.11 -4.02
CA ILE A 128 0.95 39.33 -5.23
C ILE A 128 2.32 39.36 -5.91
N THR A 129 3.17 40.30 -5.49
CA THR A 129 4.47 40.43 -6.14
C THR A 129 5.12 39.07 -6.38
N LYS A 130 5.18 38.22 -5.37
CA LYS A 130 5.85 36.94 -5.58
C LYS A 130 5.22 36.23 -6.74
N THR A 131 3.89 36.22 -6.77
CA THR A 131 3.18 35.53 -7.84
C THR A 131 3.37 36.21 -9.19
N ILE A 132 3.13 37.51 -9.28
CA ILE A 132 3.23 38.17 -10.58
C ILE A 132 4.66 38.11 -11.16
N ALA A 133 5.66 38.22 -10.30
CA ALA A 133 7.06 38.08 -10.69
C ALA A 133 7.32 36.68 -11.21
N ALA A 134 6.77 35.68 -10.52
CA ALA A 134 6.88 34.31 -10.99
C ALA A 134 6.25 34.16 -12.38
N LEU A 135 5.03 34.66 -12.54
CA LEU A 135 4.36 34.62 -13.83
C LEU A 135 5.27 35.18 -14.91
N ILE A 136 5.82 36.38 -14.69
CA ILE A 136 6.70 36.99 -15.68
C ILE A 136 7.94 36.16 -16.02
N ILE A 137 8.64 35.68 -15.01
CA ILE A 137 9.78 34.80 -15.28
C ILE A 137 9.38 33.58 -16.11
N LEU A 138 8.21 33.02 -15.79
CA LEU A 138 7.75 31.74 -16.36
C LEU A 138 7.29 31.85 -17.81
N TRP A 139 6.42 32.81 -18.10
CA TRP A 139 6.03 33.01 -19.49
C TRP A 139 7.13 33.71 -20.32
N ALA A 140 8.11 34.34 -19.66
CA ALA A 140 9.28 34.84 -20.38
C ALA A 140 10.18 33.68 -20.79
N LEU A 141 10.39 32.73 -19.88
CA LEU A 141 11.10 31.51 -20.24
C LEU A 141 10.36 30.74 -21.33
N ALA A 142 9.03 30.76 -21.26
CA ALA A 142 8.22 30.24 -22.34
C ALA A 142 8.56 30.91 -23.67
N LEU A 143 8.54 32.24 -23.70
CA LEU A 143 8.92 32.96 -24.92
C LEU A 143 10.28 32.53 -25.45
N THR A 144 11.27 32.43 -24.57
CA THR A 144 12.61 32.05 -25.03
C THR A 144 12.73 30.61 -25.54
N GLN A 145 11.85 29.72 -25.08
CA GLN A 145 11.88 28.36 -25.63
C GLN A 145 11.06 28.15 -26.89
N PHE A 146 9.86 28.71 -26.94
CA PHE A 146 9.02 28.54 -28.12
C PHE A 146 9.82 28.70 -29.41
N GLY A 147 10.83 29.56 -29.39
CA GLY A 147 11.62 29.80 -30.59
C GLY A 147 12.21 28.53 -31.18
N GLY A 148 12.35 27.51 -30.34
CA GLY A 148 13.01 26.28 -30.74
C GLY A 148 14.13 25.98 -29.77
N THR A 149 14.39 24.70 -29.55
CA THR A 149 15.34 24.29 -28.52
C THR A 149 16.78 24.02 -29.03
N LYS A 150 17.22 24.74 -30.05
CA LYS A 150 18.62 24.68 -30.45
C LYS A 150 19.52 24.79 -29.21
N TYR A 151 19.27 25.83 -28.40
CA TYR A 151 20.13 26.16 -27.25
C TYR A 151 20.04 25.28 -25.99
N THR A 152 18.91 25.41 -25.32
CA THR A 152 18.62 24.87 -23.98
C THR A 152 19.59 23.90 -23.31
N ALA A 153 19.78 22.72 -23.88
CA ALA A 153 20.58 21.70 -23.20
C ALA A 153 22.01 22.16 -22.84
N ARG A 154 22.65 22.96 -23.69
CA ARG A 154 24.00 23.41 -23.33
C ARG A 154 23.98 24.66 -22.46
N ILE A 155 23.01 25.54 -22.66
CA ILE A 155 22.84 26.66 -21.75
C ILE A 155 22.92 26.06 -20.37
N ALA A 156 22.15 24.98 -20.16
CA ALA A 156 22.06 24.32 -18.87
C ALA A 156 23.29 23.49 -18.53
N LYS A 157 24.09 23.13 -19.54
CA LYS A 157 25.33 22.43 -19.26
C LYS A 157 26.22 23.39 -18.49
N VAL A 158 26.58 24.49 -19.14
CA VAL A 158 27.45 25.50 -18.55
C VAL A 158 26.69 26.25 -17.46
N GLY A 159 25.40 25.95 -17.35
CA GLY A 159 24.56 26.52 -16.31
C GLY A 159 24.61 25.70 -15.05
N PHE A 160 24.31 24.41 -15.16
CA PHE A 160 24.54 23.49 -14.06
C PHE A 160 25.95 23.76 -13.57
N PHE A 161 26.87 23.94 -14.51
CA PHE A 161 28.26 24.17 -14.16
C PHE A 161 28.44 25.45 -13.37
N ALA A 162 28.08 26.58 -13.97
CA ALA A 162 28.33 27.88 -13.36
C ALA A 162 27.55 28.04 -12.07
N GLY A 163 26.22 28.00 -12.18
CA GLY A 163 25.35 28.23 -11.04
C GLY A 163 24.80 27.00 -10.33
N ILE A 164 25.67 26.05 -9.99
CA ILE A 164 25.29 24.95 -9.08
C ILE A 164 26.48 24.15 -8.52
N LEU A 165 27.38 23.68 -9.37
CA LEU A 165 28.55 22.96 -8.85
C LEU A 165 29.42 23.96 -8.11
N LEU A 166 29.68 25.07 -8.78
CA LEU A 166 30.51 26.14 -8.26
C LEU A 166 29.93 26.72 -6.98
N PRO A 167 28.67 27.20 -7.02
CA PRO A 167 28.12 27.84 -5.82
C PRO A 167 28.18 26.93 -4.60
N ALA A 168 27.87 25.64 -4.79
CA ALA A 168 28.04 24.68 -3.71
C ALA A 168 29.52 24.67 -3.32
N PHE A 169 30.38 24.02 -4.09
CA PHE A 169 31.80 23.94 -3.72
C PHE A 169 32.26 25.18 -2.96
N ILE A 170 31.77 26.34 -3.39
CA ILE A 170 32.01 27.57 -2.66
C ILE A 170 31.44 27.40 -1.26
N LEU A 171 30.18 26.98 -1.17
CA LEU A 171 29.53 26.81 0.13
C LEU A 171 30.14 25.68 0.97
N ILE A 172 30.26 24.50 0.39
CA ILE A 172 30.90 23.38 1.07
C ILE A 172 32.26 23.80 1.68
N ALA A 173 33.16 24.33 0.87
CA ALA A 173 34.47 24.73 1.36
C ALA A 173 34.37 25.83 2.42
N LEU A 174 33.48 26.78 2.17
CA LEU A 174 33.29 27.95 3.01
C LEU A 174 32.86 27.59 4.44
N ALA A 175 31.73 26.89 4.53
CA ALA A 175 31.23 26.42 5.83
C ALA A 175 32.24 25.48 6.49
N ALA A 176 32.80 24.56 5.70
CA ALA A 176 33.82 23.66 6.24
C ALA A 176 34.92 24.47 6.93
N ILE A 177 35.22 25.66 6.40
CA ILE A 177 36.15 26.54 7.10
C ILE A 177 35.51 27.24 8.31
N TYR A 178 34.20 27.47 8.27
CA TYR A 178 33.50 28.05 9.43
C TYR A 178 33.53 27.17 10.67
N LEU A 179 33.91 25.90 10.47
CA LEU A 179 33.99 24.91 11.54
C LEU A 179 34.83 25.40 12.72
N HIS A 180 35.86 26.20 12.45
CA HIS A 180 36.72 26.73 13.49
C HIS A 180 36.23 28.07 14.02
N THR A 193 21.98 8.72 14.11
CA THR A 193 21.36 9.48 13.02
C THR A 193 20.31 10.42 13.57
N PHE A 194 20.53 10.90 14.79
CA PHE A 194 19.53 11.62 15.56
C PHE A 194 18.11 11.34 15.07
N PHE A 195 17.59 10.18 15.45
CA PHE A 195 16.23 9.78 15.10
C PHE A 195 15.27 10.94 15.18
N PRO A 196 14.36 11.04 14.21
CA PRO A 196 13.38 12.12 14.23
C PRO A 196 12.69 12.07 15.57
N ASP A 197 11.94 13.10 15.93
CA ASP A 197 11.13 13.00 17.15
C ASP A 197 9.65 12.81 16.83
N PHE A 198 9.20 11.56 16.92
CA PHE A 198 7.82 11.21 16.59
C PHE A 198 6.87 11.57 17.73
N SER A 199 7.42 12.05 18.83
CA SER A 199 6.61 12.50 19.97
C SER A 199 6.15 13.96 19.81
N LYS A 200 6.69 14.66 18.81
CA LYS A 200 6.18 15.98 18.42
C LYS A 200 5.59 15.92 17.00
N VAL A 201 4.45 16.58 16.79
CA VAL A 201 3.61 16.37 15.61
C VAL A 201 3.99 17.14 14.34
N GLY A 202 3.78 16.50 13.19
CA GLY A 202 4.09 17.08 11.89
C GLY A 202 5.51 16.76 11.48
N THR A 203 6.24 16.11 12.39
CA THR A 203 7.67 15.89 12.21
C THR A 203 7.97 14.86 11.14
N LEU A 204 7.00 14.51 10.32
CA LEU A 204 7.28 13.58 9.23
C LEU A 204 7.10 14.16 7.83
N VAL A 205 6.28 15.20 7.70
CA VAL A 205 6.00 15.77 6.38
C VAL A 205 7.27 16.10 5.59
N VAL A 206 8.32 16.56 6.26
CA VAL A 206 9.57 16.92 5.55
C VAL A 206 10.05 15.84 4.59
N PHE A 207 9.65 14.59 4.86
CA PHE A 207 10.12 13.46 4.07
C PHE A 207 9.80 13.68 2.60
N VAL A 208 8.66 14.31 2.37
CA VAL A 208 8.27 14.74 1.05
C VAL A 208 9.50 15.16 0.25
N ALA A 209 10.21 16.21 0.71
CA ALA A 209 11.29 16.77 -0.09
C ALA A 209 12.39 15.76 -0.34
N PHE A 210 12.82 15.03 0.70
CA PHE A 210 13.83 14.01 0.48
C PHE A 210 13.42 13.05 -0.66
N ILE A 211 12.17 12.58 -0.60
CA ILE A 211 11.69 11.67 -1.63
C ILE A 211 11.61 12.38 -2.96
N LEU A 212 11.17 13.64 -2.96
CA LEU A 212 11.10 14.41 -4.19
C LEU A 212 12.49 14.50 -4.80
N SER A 213 13.52 14.35 -3.96
CA SER A 213 14.88 14.44 -4.45
C SER A 213 15.20 13.26 -5.36
N TYR A 214 14.69 12.07 -5.03
CA TYR A 214 15.06 10.88 -5.78
C TYR A 214 14.15 10.59 -6.98
N MET A 215 12.97 11.19 -7.01
CA MET A 215 12.02 10.98 -8.11
C MET A 215 12.64 11.30 -9.49
N GLY A 216 12.53 10.38 -10.45
CA GLY A 216 12.95 10.63 -11.82
C GLY A 216 13.78 9.55 -12.47
N VAL A 217 14.29 8.62 -11.66
CA VAL A 217 15.30 7.66 -12.07
C VAL A 217 14.85 6.77 -13.22
N GLU A 218 13.56 6.46 -13.23
CA GLU A 218 13.00 5.63 -14.28
C GLU A 218 13.38 6.13 -15.67
N ALA A 219 13.29 7.44 -15.88
CA ALA A 219 13.50 8.01 -17.20
C ALA A 219 14.86 7.62 -17.75
N SER A 220 15.80 7.38 -16.84
CA SER A 220 17.17 7.04 -17.24
C SER A 220 17.46 5.60 -16.92
N ALA A 221 16.41 4.80 -16.82
CA ALA A 221 16.58 3.39 -16.54
C ALA A 221 16.84 2.63 -17.83
N THR A 222 16.13 3.03 -18.88
CA THR A 222 16.27 2.38 -20.18
C THR A 222 17.74 2.28 -20.57
N HIS A 223 18.47 3.39 -20.36
CA HIS A 223 19.88 3.46 -20.75
C HIS A 223 20.69 2.32 -20.12
N VAL A 224 20.03 1.20 -19.85
CA VAL A 224 20.69 0.01 -19.35
C VAL A 224 20.96 -0.98 -20.48
N ASN A 225 20.27 -0.79 -21.61
CA ASN A 225 20.64 -1.44 -22.87
C ASN A 225 21.90 -0.81 -23.50
N GLU A 226 21.86 0.51 -23.71
CA GLU A 226 23.02 1.30 -24.18
C GLU A 226 24.23 0.96 -23.29
N MET A 227 23.99 0.03 -22.35
CA MET A 227 24.95 -0.35 -21.31
C MET A 227 25.01 -1.87 -21.20
N SER A 228 26.21 -2.41 -21.03
CA SER A 228 26.39 -3.86 -21.07
C SER A 228 27.09 -4.43 -19.84
N ASN A 229 26.90 -5.75 -19.65
CA ASN A 229 27.05 -6.44 -18.36
C ASN A 229 26.10 -5.91 -17.27
N PRO A 230 24.87 -5.52 -17.67
CA PRO A 230 23.99 -5.03 -16.63
C PRO A 230 24.20 -5.89 -15.40
N GLY A 231 23.83 -7.16 -15.48
CA GLY A 231 24.05 -8.11 -14.39
C GLY A 231 24.13 -7.45 -13.02
N ARG A 232 24.94 -8.02 -12.14
CA ARG A 232 25.27 -7.34 -10.90
C ARG A 232 26.35 -6.30 -11.22
N ASP A 233 25.97 -5.04 -11.15
CA ASP A 233 26.82 -3.93 -11.60
C ASP A 233 26.07 -2.59 -11.53
N TYR A 234 25.01 -2.49 -12.30
CA TYR A 234 24.07 -1.37 -12.19
C TYR A 234 23.58 -1.22 -10.76
N PRO A 235 23.38 -2.35 -10.04
CA PRO A 235 23.07 -2.14 -8.61
C PRO A 235 24.17 -1.37 -7.88
N LEU A 236 25.38 -1.32 -8.45
CA LEU A 236 26.47 -0.56 -7.87
C LEU A 236 26.43 0.88 -8.34
N ALA A 237 26.06 1.11 -9.59
CA ALA A 237 25.87 2.47 -10.06
C ALA A 237 24.85 3.10 -9.14
N MET A 238 23.81 2.33 -8.86
CA MET A 238 22.75 2.71 -7.94
C MET A 238 23.26 2.87 -6.52
N LEU A 239 23.97 1.85 -6.03
CA LEU A 239 24.53 1.87 -4.71
C LEU A 239 25.25 3.20 -4.51
N LEU A 240 26.13 3.50 -5.46
CA LEU A 240 26.94 4.69 -5.46
C LEU A 240 26.06 5.92 -5.55
N LEU A 241 25.60 6.20 -6.76
CA LEU A 241 24.58 7.21 -7.02
C LEU A 241 23.80 7.59 -5.75
N MET A 242 23.33 6.58 -5.03
CA MET A 242 22.64 6.80 -3.77
C MET A 242 23.61 7.36 -2.75
N VAL A 243 24.72 6.66 -2.56
CA VAL A 243 25.75 7.10 -1.63
C VAL A 243 26.07 8.57 -1.84
N ALA A 244 26.56 8.87 -3.05
CA ALA A 244 26.83 10.24 -3.48
C ALA A 244 25.66 11.11 -3.07
N ALA A 245 24.56 11.07 -3.83
CA ALA A 245 23.43 11.94 -3.56
C ALA A 245 23.08 12.05 -2.08
N ILE A 246 23.59 11.13 -1.27
CA ILE A 246 23.36 11.21 0.18
C ILE A 246 24.35 12.13 0.87
N CYS A 247 25.64 11.80 0.81
CA CYS A 247 26.66 12.63 1.45
C CYS A 247 26.71 14.01 0.78
N LEU A 248 26.33 14.01 -0.49
CA LEU A 248 26.27 15.20 -1.29
C LEU A 248 25.05 16.05 -0.90
N SER A 249 23.83 15.53 -1.07
CA SER A 249 22.66 16.34 -0.71
C SER A 249 22.59 16.59 0.79
N SER A 250 23.54 16.02 1.54
CA SER A 250 23.53 16.21 3.00
C SER A 250 24.66 17.08 3.53
N VAL A 251 25.72 17.29 2.75
CA VAL A 251 26.69 18.30 3.15
C VAL A 251 26.06 19.69 3.15
N GLY A 252 25.51 20.09 2.00
CA GLY A 252 24.79 21.35 1.91
C GLY A 252 23.53 21.40 2.76
N GLY A 253 23.07 20.24 3.23
CA GLY A 253 21.93 20.22 4.12
C GLY A 253 22.40 20.58 5.52
N LEU A 254 23.44 19.90 5.95
CA LEU A 254 24.01 20.12 7.27
C LEU A 254 24.60 21.54 7.44
N SER A 255 25.10 22.11 6.35
CA SER A 255 25.66 23.45 6.40
C SER A 255 24.62 24.46 6.85
N ILE A 256 23.65 24.72 5.98
CA ILE A 256 22.50 25.53 6.36
C ILE A 256 22.11 25.16 7.77
N ALA A 257 21.92 23.85 7.96
CA ALA A 257 21.27 23.30 9.14
C ALA A 257 21.90 23.67 10.47
N MET A 258 23.24 23.67 10.52
CA MET A 258 23.92 23.90 11.77
C MET A 258 24.76 25.15 11.74
N VAL A 259 24.23 26.17 11.08
CA VAL A 259 24.68 27.56 11.25
C VAL A 259 23.48 28.50 11.11
N ILE A 260 22.28 27.92 11.04
CA ILE A 260 21.05 28.69 10.97
C ILE A 260 19.97 27.93 11.73
N PRO A 261 19.51 28.47 12.88
CA PRO A 261 18.54 27.77 13.73
C PRO A 261 17.31 27.25 12.97
N GLY A 262 17.14 25.94 12.96
CA GLY A 262 16.06 25.31 12.22
C GLY A 262 14.67 25.72 12.66
N ASN A 263 14.40 27.02 12.64
CA ASN A 263 13.13 27.54 13.08
C ASN A 263 12.71 28.65 12.14
N GLU A 264 13.70 29.37 11.60
CA GLU A 264 13.47 30.50 10.72
C GLU A 264 14.20 30.41 9.38
N ILE A 265 14.66 29.21 9.03
CA ILE A 265 15.21 28.95 7.69
C ILE A 265 14.12 29.15 6.67
N ASN A 266 14.21 30.18 5.84
CA ASN A 266 13.24 30.30 4.76
C ASN A 266 13.51 29.22 3.72
N LEU A 267 12.47 28.64 3.17
CA LEU A 267 12.62 27.51 2.26
C LEU A 267 13.00 27.96 0.87
N SER A 268 12.55 29.15 0.51
CA SER A 268 12.90 29.75 -0.76
C SER A 268 14.33 30.26 -0.69
N ALA A 269 14.55 31.27 0.16
CA ALA A 269 15.88 31.76 0.44
C ALA A 269 16.72 30.63 1.01
N GLY A 270 16.75 30.57 2.34
CA GLY A 270 17.45 29.50 3.04
C GLY A 270 18.89 29.36 2.63
N VAL A 271 19.13 28.97 1.38
CA VAL A 271 20.47 28.81 0.87
C VAL A 271 21.28 30.11 1.03
N MET A 272 20.97 31.10 0.21
CA MET A 272 21.69 32.35 0.26
C MET A 272 21.60 33.01 1.62
N GLN A 273 20.57 32.70 2.39
CA GLN A 273 20.52 33.15 3.78
C GLN A 273 21.75 32.59 4.49
N THR A 274 21.89 31.27 4.38
CA THR A 274 23.04 30.57 4.92
C THR A 274 24.31 31.25 4.46
N PHE A 275 24.35 31.63 3.19
CA PHE A 275 25.52 32.32 2.66
C PHE A 275 25.78 33.65 3.38
N THR A 276 24.90 34.65 3.23
CA THR A 276 25.13 35.94 3.85
C THR A 276 25.65 35.74 5.26
N VAL A 277 24.89 35.04 6.10
CA VAL A 277 25.33 34.94 7.49
C VAL A 277 26.62 34.12 7.65
N LEU A 278 26.95 33.33 6.63
CA LEU A 278 28.18 32.55 6.65
C LEU A 278 29.40 33.41 6.31
N MET A 279 29.22 34.34 5.38
CA MET A 279 30.29 35.22 4.96
C MET A 279 30.81 35.92 6.18
N SER A 280 29.91 36.33 7.05
CA SER A 280 30.31 36.92 8.33
C SER A 280 31.32 36.00 9.00
N HIS A 281 32.54 36.03 8.45
CA HIS A 281 33.66 35.19 8.87
C HIS A 281 34.62 35.07 7.71
N VAL A 282 35.42 36.12 7.52
CA VAL A 282 36.21 36.37 6.30
C VAL A 282 35.36 37.12 5.26
N ALA A 283 34.52 38.03 5.77
CA ALA A 283 33.72 38.91 4.91
C ALA A 283 33.93 40.37 5.26
N PRO A 284 35.09 40.92 4.86
CA PRO A 284 35.44 42.34 4.93
C PRO A 284 34.77 43.08 3.78
N GLU A 285 33.55 43.57 4.01
CA GLU A 285 32.74 44.10 2.93
C GLU A 285 32.45 42.96 1.96
N ILE A 286 33.19 41.87 2.10
CA ILE A 286 32.99 40.67 1.29
C ILE A 286 31.58 40.12 1.46
N GLU A 287 30.88 40.60 2.50
CA GLU A 287 29.43 40.47 2.59
C GLU A 287 28.82 41.11 1.33
N TRP A 288 29.50 40.93 0.20
CA TRP A 288 29.08 41.50 -1.08
C TRP A 288 29.20 40.43 -2.15
N THR A 289 30.24 39.62 -2.05
CA THR A 289 30.45 38.52 -2.97
C THR A 289 29.20 37.65 -2.93
N VAL A 290 28.44 37.82 -1.85
CA VAL A 290 27.23 37.05 -1.62
C VAL A 290 26.11 37.33 -2.62
N ARG A 291 25.78 38.61 -2.88
CA ARG A 291 24.76 38.86 -3.91
C ARG A 291 25.24 38.44 -5.32
N VAL A 292 26.56 38.38 -5.53
CA VAL A 292 27.11 37.72 -6.72
C VAL A 292 26.76 36.21 -6.74
N ILE A 293 27.12 35.51 -5.67
CA ILE A 293 26.77 34.11 -5.52
C ILE A 293 25.29 33.87 -5.86
N SER A 294 24.42 34.71 -5.33
CA SER A 294 23.03 34.70 -5.75
C SER A 294 22.89 34.79 -7.27
N ALA A 295 23.52 35.78 -7.88
CA ALA A 295 23.46 35.87 -9.33
C ALA A 295 23.71 34.50 -9.98
N LEU A 296 24.82 33.87 -9.62
CA LEU A 296 25.12 32.54 -10.17
C LEU A 296 23.97 31.54 -9.92
N LEU A 297 23.44 31.52 -8.71
CA LEU A 297 22.33 30.60 -8.43
C LEU A 297 21.14 30.82 -9.35
N LEU A 298 20.51 31.98 -9.27
CA LEU A 298 19.35 32.21 -10.11
C LEU A 298 19.70 31.92 -11.56
N LEU A 299 20.98 32.07 -11.92
CA LEU A 299 21.39 31.73 -13.28
C LEU A 299 21.17 30.23 -13.54
N GLY A 300 21.91 29.39 -12.82
CA GLY A 300 21.73 27.95 -12.97
C GLY A 300 20.27 27.52 -12.99
N VAL A 301 19.52 27.89 -11.95
CA VAL A 301 18.11 27.47 -11.89
C VAL A 301 17.33 27.96 -13.10
N LEU A 302 17.62 29.17 -13.57
CA LEU A 302 16.93 29.68 -14.74
C LEU A 302 17.21 28.78 -15.93
N ALA A 303 18.45 28.33 -16.04
CA ALA A 303 18.82 27.39 -17.10
C ALA A 303 17.98 26.10 -17.06
N GLU A 304 18.04 25.41 -15.91
CA GLU A 304 17.23 24.19 -15.81
C GLU A 304 15.77 24.48 -16.22
N ILE A 305 15.14 25.40 -15.51
CA ILE A 305 13.73 25.70 -15.76
C ILE A 305 13.45 25.91 -17.24
N ALA A 306 14.36 26.62 -17.91
CA ALA A 306 14.25 26.70 -19.35
C ALA A 306 14.14 25.29 -19.92
N SER A 307 15.08 24.41 -19.56
CA SER A 307 15.08 23.09 -20.18
C SER A 307 13.75 22.39 -20.00
N TRP A 308 13.16 22.56 -18.82
CA TRP A 308 11.86 21.93 -18.49
C TRP A 308 10.64 22.56 -19.17
N ILE A 309 10.79 23.72 -19.78
CA ILE A 309 9.65 24.28 -20.52
C ILE A 309 9.21 23.41 -21.71
N VAL A 310 10.11 22.56 -22.22
CA VAL A 310 9.84 21.76 -23.43
C VAL A 310 10.17 20.26 -23.32
N GLY A 311 11.25 19.93 -22.61
CA GLY A 311 11.70 18.54 -22.46
C GLY A 311 10.66 17.48 -22.16
N PRO A 312 10.08 17.52 -20.95
CA PRO A 312 8.98 16.61 -20.57
C PRO A 312 7.77 16.65 -21.52
N SER A 313 7.27 17.85 -21.78
CA SER A 313 6.14 18.03 -22.69
C SER A 313 6.30 17.13 -23.93
N ARG A 314 7.53 17.10 -24.43
CA ARG A 314 7.94 16.29 -25.57
C ARG A 314 8.01 14.82 -25.19
N GLY A 315 8.53 14.53 -24.02
CA GLY A 315 8.61 13.15 -23.54
C GLY A 315 7.25 12.48 -23.40
N MET A 316 6.17 13.24 -23.49
CA MET A 316 4.83 12.63 -23.46
C MET A 316 3.97 12.91 -24.68
N TYR A 317 4.56 12.95 -25.86
CA TYR A 317 3.78 12.99 -27.08
C TYR A 317 3.47 11.56 -27.50
N VAL A 318 4.27 10.64 -27.00
CA VAL A 318 4.19 9.24 -27.38
C VAL A 318 2.72 8.84 -27.47
N THR A 319 1.89 9.51 -26.68
CA THR A 319 0.46 9.22 -26.62
C THR A 319 -0.33 9.89 -27.75
N ALA A 320 -0.02 11.16 -28.01
CA ALA A 320 -0.61 11.79 -29.19
C ALA A 320 -0.48 10.80 -30.35
N GLN A 321 0.71 10.23 -30.45
CA GLN A 321 1.04 9.24 -31.48
C GLN A 321 0.19 7.97 -31.33
N LYS A 322 0.29 7.29 -30.19
CA LYS A 322 -0.45 6.04 -29.95
C LYS A 322 -1.97 6.22 -30.00
N ASN A 323 -2.64 5.43 -30.85
CA ASN A 323 -4.09 5.39 -30.95
C ASN A 323 -4.83 6.74 -30.93
N LEU A 324 -4.09 7.84 -31.03
CA LEU A 324 -4.69 9.15 -30.88
C LEU A 324 -5.42 9.18 -29.52
N LEU A 325 -4.70 8.80 -28.48
CA LEU A 325 -5.18 8.86 -27.10
C LEU A 325 -5.61 10.30 -26.71
N PRO A 326 -4.66 11.27 -26.72
CA PRO A 326 -5.02 12.68 -26.49
C PRO A 326 -5.69 13.30 -27.71
N ALA A 327 -6.87 13.87 -27.53
CA ALA A 327 -7.61 14.42 -28.67
C ALA A 327 -6.90 15.63 -29.30
N ALA A 328 -6.59 15.55 -30.61
CA ALA A 328 -5.99 16.67 -31.37
C ALA A 328 -4.92 17.46 -30.61
N PHE A 329 -4.58 16.97 -29.42
CA PHE A 329 -3.59 17.57 -28.55
C PHE A 329 -2.21 17.50 -29.17
N ALA A 330 -2.06 18.04 -30.38
CA ALA A 330 -0.79 17.91 -31.07
C ALA A 330 -0.71 18.90 -32.22
N LYS A 331 0.41 19.63 -32.30
CA LYS A 331 0.59 20.61 -33.36
C LYS A 331 2.08 20.75 -33.72
N MET A 332 2.89 19.88 -33.13
CA MET A 332 4.33 19.74 -33.44
C MET A 332 4.79 20.47 -34.71
N ASN A 333 5.42 21.63 -34.54
CA ASN A 333 5.95 22.37 -35.69
C ASN A 333 7.48 22.36 -35.79
N LYS A 334 8.11 23.35 -35.18
CA LYS A 334 9.57 23.56 -35.28
C LYS A 334 9.99 24.67 -34.31
N ASN A 335 11.28 24.79 -34.02
CA ASN A 335 12.30 23.86 -34.52
C ASN A 335 12.15 22.51 -33.83
N GLY A 336 11.62 22.52 -32.61
CA GLY A 336 11.25 21.30 -31.93
C GLY A 336 10.17 20.57 -32.71
N VAL A 337 8.96 20.41 -32.17
CA VAL A 337 8.53 20.88 -30.84
C VAL A 337 7.00 20.77 -30.73
N PRO A 338 6.48 20.31 -29.58
CA PRO A 338 5.03 20.31 -29.31
C PRO A 338 4.49 21.73 -29.13
N VAL A 339 3.27 21.87 -28.61
CA VAL A 339 2.76 23.22 -28.30
C VAL A 339 1.59 23.25 -27.32
N THR A 340 0.42 22.78 -27.73
CA THR A 340 -0.73 22.83 -26.85
C THR A 340 -0.25 22.25 -25.54
N LEU A 341 0.51 21.16 -25.62
CA LEU A 341 1.01 20.50 -24.42
C LEU A 341 1.83 21.44 -23.54
N VAL A 342 2.77 22.16 -24.15
CA VAL A 342 3.57 23.13 -23.43
C VAL A 342 2.69 24.22 -22.84
N ILE A 343 1.84 24.80 -23.68
CA ILE A 343 1.01 25.90 -23.24
C ILE A 343 0.15 25.53 -22.04
N SER A 344 -0.54 24.40 -22.11
CA SER A 344 -1.47 24.03 -21.05
C SER A 344 -0.74 23.36 -19.89
N GLN A 345 0.51 22.99 -20.13
CA GLN A 345 1.40 22.72 -19.02
C GLN A 345 1.64 24.03 -18.30
N LEU A 346 1.58 25.13 -19.04
CA LEU A 346 1.78 26.44 -18.46
C LEU A 346 0.52 27.04 -17.86
N VAL A 347 -0.65 26.65 -18.33
CA VAL A 347 -1.89 27.08 -17.72
C VAL A 347 -2.10 26.26 -16.46
N ILE A 348 -1.68 25.00 -16.53
CA ILE A 348 -1.62 24.22 -15.31
C ILE A 348 -0.70 24.95 -14.35
N THR A 349 0.58 25.00 -14.68
CA THR A 349 1.57 25.51 -13.74
C THR A 349 1.27 26.92 -13.27
N SER A 350 0.69 27.72 -14.15
CA SER A 350 0.34 29.08 -13.79
C SER A 350 -0.85 29.06 -12.84
N ILE A 351 -1.79 28.14 -13.04
CA ILE A 351 -2.93 28.08 -12.14
C ILE A 351 -2.50 27.53 -10.78
N ALA A 352 -1.58 26.60 -10.79
CA ALA A 352 -1.06 26.00 -9.58
C ALA A 352 -0.33 27.08 -8.83
N LEU A 353 0.30 27.98 -9.58
CA LEU A 353 1.04 29.10 -9.02
C LEU A 353 0.11 30.15 -8.38
N ILE A 354 -0.88 30.62 -9.13
CA ILE A 354 -1.77 31.65 -8.62
C ILE A 354 -2.53 31.12 -7.42
N ILE A 355 -3.13 29.94 -7.59
CA ILE A 355 -3.94 29.36 -6.53
C ILE A 355 -3.12 28.98 -5.30
N LEU A 356 -2.01 28.30 -5.52
CA LEU A 356 -1.19 27.81 -4.42
C LEU A 356 -0.32 28.89 -3.74
N THR A 357 -0.20 30.06 -4.35
CA THR A 357 0.68 31.11 -3.83
C THR A 357 -0.05 32.06 -2.88
N ASN A 358 -1.37 31.99 -2.88
CA ASN A 358 -2.17 32.96 -2.14
C ASN A 358 -3.25 32.41 -1.18
N THR A 359 -2.97 31.27 -0.54
CA THR A 359 -3.80 30.78 0.57
C THR A 359 -3.02 30.04 1.63
N GLY A 360 -3.13 30.49 2.87
CA GLY A 360 -2.46 29.86 3.97
C GLY A 360 -1.29 30.65 4.53
N GLY A 361 -0.53 29.98 5.38
CA GLY A 361 0.61 30.58 6.05
C GLY A 361 1.65 30.95 5.04
N GLY A 362 1.27 31.81 4.10
CA GLY A 362 2.20 32.44 3.19
C GLY A 362 3.29 31.63 2.52
N ASN A 363 4.30 32.36 2.08
CA ASN A 363 5.33 31.85 1.18
C ASN A 363 6.23 30.74 1.73
N ASN A 364 5.90 30.17 2.87
CA ASN A 364 6.66 29.01 3.34
C ASN A 364 5.86 27.72 3.30
N MET A 365 4.63 27.80 3.80
CA MET A 365 3.68 26.74 3.63
C MET A 365 3.50 26.57 2.14
N SER A 366 3.56 27.66 1.37
CA SER A 366 3.48 27.51 -0.09
C SER A 366 4.62 26.64 -0.67
N PHE A 367 5.86 27.06 -0.48
CA PHE A 367 6.97 26.20 -0.88
C PHE A 367 6.71 24.74 -0.48
N LEU A 368 6.57 24.45 0.81
CA LEU A 368 6.42 23.05 1.24
C LEU A 368 5.24 22.29 0.62
N ILE A 369 4.07 22.91 0.61
CA ILE A 369 2.88 22.31 0.03
C ILE A 369 3.07 22.03 -1.46
N ALA A 370 3.73 22.93 -2.18
CA ALA A 370 3.93 22.71 -3.62
C ALA A 370 4.93 21.57 -3.87
N LEU A 371 5.98 21.53 -3.06
CA LEU A 371 6.77 20.32 -2.90
C LEU A 371 5.87 19.08 -2.83
N ALA A 372 5.17 18.94 -1.71
CA ALA A 372 4.38 17.74 -1.43
C ALA A 372 3.34 17.38 -2.48
N LEU A 373 2.57 18.35 -2.96
CA LEU A 373 1.58 18.10 -4.01
C LEU A 373 2.20 17.57 -5.32
N THR A 374 3.33 18.17 -5.72
CA THR A 374 4.12 17.60 -6.81
C THR A 374 4.39 16.13 -6.52
N VAL A 375 4.89 15.90 -5.31
CA VAL A 375 5.24 14.56 -4.85
C VAL A 375 4.11 13.54 -4.98
N VAL A 376 2.92 13.82 -4.43
CA VAL A 376 1.83 12.83 -4.50
C VAL A 376 1.40 12.60 -5.95
N ILE A 377 1.20 13.69 -6.71
CA ILE A 377 0.86 13.53 -8.13
C ILE A 377 1.78 12.47 -8.78
N TYR A 378 3.10 12.67 -8.66
CA TYR A 378 4.06 11.71 -9.21
C TYR A 378 4.02 10.30 -8.58
N LEU A 379 3.73 10.26 -7.28
CA LEU A 379 3.77 9.03 -6.52
C LEU A 379 2.74 8.13 -7.09
N CYS A 380 1.67 8.71 -7.62
CA CYS A 380 0.70 7.90 -8.31
C CYS A 380 1.40 6.97 -9.30
N ALA A 381 1.98 7.58 -10.32
CA ALA A 381 2.74 6.83 -11.31
C ALA A 381 3.69 5.84 -10.63
N TYR A 382 4.31 6.21 -9.54
CA TYR A 382 5.20 5.24 -8.90
C TYR A 382 4.50 3.98 -8.36
N PHE A 383 3.28 4.16 -7.84
CA PHE A 383 2.45 3.07 -7.32
C PHE A 383 2.19 2.17 -8.49
N MET A 384 1.70 2.75 -9.58
CA MET A 384 1.48 1.97 -10.79
C MET A 384 2.73 1.21 -11.24
N LEU A 385 3.88 1.87 -11.17
CA LEU A 385 5.11 1.22 -11.56
C LEU A 385 5.31 -0.02 -10.70
N PHE A 386 5.33 0.16 -9.40
CA PHE A 386 5.55 -0.97 -8.50
C PHE A 386 4.56 -2.14 -8.65
N ILE A 387 3.27 -1.83 -8.77
CA ILE A 387 2.25 -2.86 -8.90
C ILE A 387 2.39 -3.59 -10.23
N GLY A 388 2.61 -2.84 -11.30
CA GLY A 388 2.94 -3.43 -12.59
C GLY A 388 4.25 -4.24 -12.63
N TYR A 389 5.14 -4.00 -11.67
CA TYR A 389 6.33 -4.82 -11.57
C TYR A 389 6.01 -6.11 -10.86
N ILE A 390 5.23 -6.05 -9.78
CA ILE A 390 4.79 -7.29 -9.14
C ILE A 390 4.16 -8.15 -10.22
N VAL A 391 3.25 -7.55 -10.99
CA VAL A 391 2.56 -8.25 -12.07
C VAL A 391 3.48 -8.80 -13.18
N LEU A 392 4.52 -8.06 -13.58
CA LEU A 392 5.50 -8.65 -14.51
C LEU A 392 6.14 -9.86 -13.86
N VAL A 393 6.44 -9.77 -12.57
CA VAL A 393 7.13 -10.85 -11.91
C VAL A 393 6.29 -12.09 -11.97
N LEU A 394 5.08 -11.98 -11.42
CA LEU A 394 4.25 -13.15 -11.11
C LEU A 394 3.36 -13.62 -12.24
N LYS A 395 2.73 -12.67 -12.94
CA LYS A 395 1.87 -13.00 -14.08
C LYS A 395 2.61 -13.12 -15.44
N HIS A 396 3.93 -12.89 -15.43
CA HIS A 396 4.73 -12.88 -16.65
C HIS A 396 6.18 -13.28 -16.40
N PRO A 397 6.41 -14.44 -15.75
CA PRO A 397 7.77 -14.80 -15.36
C PRO A 397 8.46 -15.46 -16.54
N ASP A 398 7.86 -15.33 -17.70
CA ASP A 398 8.21 -16.18 -18.84
C ASP A 398 8.62 -15.42 -20.10
N LEU A 399 9.72 -14.67 -20.07
CA LEU A 399 10.55 -14.41 -18.89
C LEU A 399 11.42 -13.28 -19.38
N LYS A 400 12.14 -13.57 -20.48
CA LYS A 400 12.94 -12.63 -21.29
C LYS A 400 14.05 -11.85 -20.55
N ARG A 401 14.05 -10.52 -20.65
CA ARG A 401 14.89 -9.66 -19.80
C ARG A 401 16.39 -9.69 -20.11
N THR A 402 16.95 -8.54 -20.50
CA THR A 402 18.39 -8.34 -20.63
C THR A 402 19.02 -8.07 -19.25
N PHE A 403 18.16 -7.92 -18.24
CA PHE A 403 18.50 -7.58 -16.85
C PHE A 403 17.59 -8.26 -15.81
N ASN A 404 18.09 -8.44 -14.58
CA ASN A 404 17.39 -9.23 -13.56
C ASN A 404 17.87 -8.90 -12.12
N ILE A 405 16.93 -8.61 -11.22
CA ILE A 405 17.29 -8.43 -9.80
C ILE A 405 17.75 -9.76 -9.22
N PRO A 406 18.87 -9.73 -8.47
CA PRO A 406 19.48 -10.89 -7.82
C PRO A 406 18.52 -11.94 -7.22
N GLY A 407 18.41 -11.98 -5.90
CA GLY A 407 17.69 -13.02 -5.16
C GLY A 407 16.61 -13.85 -5.85
N GLY A 408 16.84 -14.18 -7.12
CA GLY A 408 15.93 -15.04 -7.86
C GLY A 408 14.54 -14.47 -8.09
N LYS A 409 13.77 -14.32 -7.01
CA LYS A 409 12.36 -13.94 -7.09
C LYS A 409 11.74 -13.74 -5.73
N GLY A 410 12.27 -14.42 -4.72
CA GLY A 410 11.92 -14.07 -3.35
C GLY A 410 12.25 -12.59 -3.20
N VAL A 411 13.53 -12.26 -3.37
CA VAL A 411 13.93 -10.87 -3.32
C VAL A 411 13.23 -10.00 -4.35
N LYS A 412 13.19 -10.41 -5.62
CA LYS A 412 12.46 -9.60 -6.62
C LYS A 412 11.18 -9.00 -5.98
N LEU A 413 10.33 -9.89 -5.48
CA LEU A 413 9.12 -9.45 -4.82
C LEU A 413 9.39 -8.59 -3.58
N VAL A 414 9.93 -9.20 -2.53
CA VAL A 414 10.07 -8.47 -1.26
C VAL A 414 10.56 -7.02 -1.48
N VAL A 415 11.49 -6.83 -2.42
CA VAL A 415 11.92 -5.49 -2.78
C VAL A 415 10.80 -4.65 -3.41
N ALA A 416 10.13 -5.19 -4.42
CA ALA A 416 9.06 -4.40 -5.02
C ALA A 416 8.00 -3.97 -3.99
N ILE A 417 7.69 -4.82 -3.02
CA ILE A 417 6.72 -4.43 -1.98
C ILE A 417 7.28 -3.43 -0.97
N VAL A 418 8.58 -3.52 -0.67
CA VAL A 418 9.23 -2.49 0.15
C VAL A 418 9.15 -1.09 -0.50
N GLY A 419 9.54 -1.00 -1.76
CA GLY A 419 9.31 0.22 -2.50
C GLY A 419 7.87 0.67 -2.35
N LEU A 420 6.94 -0.15 -2.85
CA LEU A 420 5.52 0.22 -2.80
C LEU A 420 5.16 0.83 -1.45
N LEU A 421 5.59 0.16 -0.40
CA LEU A 421 5.33 0.61 0.95
C LEU A 421 5.85 2.03 1.21
N THR A 422 7.18 2.24 1.16
CA THR A 422 7.66 3.58 1.45
C THR A 422 6.89 4.59 0.61
N SER A 423 6.64 4.25 -0.65
CA SER A 423 5.86 5.13 -1.49
C SER A 423 4.57 5.53 -0.77
N ILE A 424 3.81 4.54 -0.29
CA ILE A 424 2.53 4.85 0.39
C ILE A 424 2.73 5.71 1.63
N MET A 425 3.79 5.45 2.39
CA MET A 425 4.15 6.30 3.52
C MET A 425 4.14 7.71 3.00
N ALA A 426 5.21 8.03 2.24
CA ALA A 426 5.35 9.32 1.56
C ALA A 426 4.02 9.92 1.15
N PHE A 427 3.14 9.10 0.59
CA PHE A 427 1.84 9.58 0.17
C PHE A 427 0.92 10.05 1.30
N ILE A 428 0.78 9.27 2.38
CA ILE A 428 -0.03 9.80 3.48
C ILE A 428 0.73 10.92 4.16
N VAL A 429 1.89 10.58 4.72
CA VAL A 429 2.69 11.58 5.42
C VAL A 429 2.76 12.94 4.71
N SER A 430 2.61 12.94 3.39
CA SER A 430 2.44 14.20 2.65
C SER A 430 1.27 15.03 3.16
N PHE A 431 0.45 14.42 4.03
CA PHE A 431 -0.79 15.05 4.49
C PHE A 431 -0.88 15.35 5.99
N LEU A 432 0.21 15.10 6.72
CA LEU A 432 0.22 15.42 8.15
C LEU A 432 1.22 16.51 8.44
N PRO A 433 0.81 17.76 8.21
CA PRO A 433 1.57 18.99 8.45
C PRO A 433 1.60 19.31 9.92
N PRO A 434 2.70 19.86 10.42
CA PRO A 434 2.72 20.25 11.83
C PRO A 434 1.75 21.42 12.09
N ASP A 435 1.77 21.97 13.30
CA ASP A 435 0.97 23.15 13.62
C ASP A 435 1.28 24.24 12.62
N ASN A 436 2.58 24.36 12.31
CA ASN A 436 3.15 25.45 11.50
C ASN A 436 4.53 25.10 10.92
N ILE A 437 4.68 25.16 9.60
CA ILE A 437 6.01 25.10 8.98
C ILE A 437 6.61 26.48 9.00
N GLN A 438 7.77 26.59 9.64
CA GLN A 438 8.45 27.87 9.89
C GLN A 438 7.54 29.01 10.38
N GLY A 439 6.59 28.68 11.24
CA GLY A 439 5.74 29.66 11.90
C GLY A 439 4.88 30.51 10.98
N ASP A 440 4.20 29.88 10.02
CA ASP A 440 3.48 30.66 9.00
C ASP A 440 2.02 31.10 9.25
N SER A 441 1.00 30.24 9.18
CA SER A 441 1.03 28.83 8.83
C SER A 441 -0.41 28.34 8.84
N THR A 442 -1.35 29.29 8.98
CA THR A 442 -2.78 29.03 9.22
C THR A 442 -3.30 27.57 9.04
N ASP A 443 -2.63 26.80 8.20
CA ASP A 443 -3.07 25.45 7.94
C ASP A 443 -4.54 25.42 7.52
N MET A 444 -4.77 25.90 6.30
CA MET A 444 -5.90 25.49 5.49
C MET A 444 -5.25 24.48 4.55
N TYR A 445 -4.22 23.80 5.07
CA TYR A 445 -3.38 22.86 4.30
C TYR A 445 -4.12 21.68 3.62
N VAL A 446 -4.34 20.60 4.37
CA VAL A 446 -4.97 19.38 3.82
C VAL A 446 -6.23 19.62 3.01
N GLU A 447 -7.00 20.61 3.43
CA GLU A 447 -8.10 21.06 2.60
C GLU A 447 -7.55 21.28 1.17
N LEU A 448 -6.54 22.16 1.05
CA LEU A 448 -5.94 22.53 -0.25
C LEU A 448 -5.12 21.45 -0.99
N LEU A 449 -4.21 20.78 -0.28
CA LEU A 449 -3.45 19.70 -0.88
C LEU A 449 -4.44 18.68 -1.47
N VAL A 450 -5.45 18.30 -0.69
CA VAL A 450 -6.43 17.34 -1.20
C VAL A 450 -7.24 17.84 -2.38
N VAL A 451 -8.10 18.85 -2.20
CA VAL A 451 -8.85 19.34 -3.36
C VAL A 451 -7.96 19.47 -4.61
N SER A 452 -6.75 19.98 -4.43
CA SER A 452 -5.82 20.12 -5.55
C SER A 452 -5.57 18.78 -6.23
N PHE A 453 -4.87 17.91 -5.50
CA PHE A 453 -4.42 16.62 -6.02
C PHE A 453 -5.57 15.80 -6.57
N LEU A 454 -6.77 16.07 -6.08
CA LEU A 454 -7.95 15.47 -6.68
C LEU A 454 -8.19 16.07 -8.06
N VAL A 455 -8.42 17.37 -8.14
CA VAL A 455 -8.73 17.93 -9.43
C VAL A 455 -7.67 17.53 -10.47
N VAL A 456 -6.43 17.38 -10.03
CA VAL A 456 -5.36 16.89 -10.92
C VAL A 456 -5.54 15.42 -11.28
N LEU A 457 -5.40 14.55 -10.28
CA LEU A 457 -5.47 13.12 -10.49
C LEU A 457 -6.66 12.78 -11.38
N ALA A 458 -7.66 13.65 -11.37
CA ALA A 458 -8.80 13.46 -12.26
C ALA A 458 -8.39 13.56 -13.74
N LEU A 459 -7.52 14.51 -14.05
CA LEU A 459 -7.19 14.85 -15.44
C LEU A 459 -6.87 13.67 -16.35
N PRO A 460 -5.73 13.00 -16.10
CA PRO A 460 -5.36 11.93 -17.04
C PRO A 460 -6.51 10.95 -17.35
N PHE A 461 -7.33 10.61 -16.37
CA PHE A 461 -8.39 9.65 -16.61
C PHE A 461 -9.53 10.24 -17.42
N ILE A 462 -9.85 11.51 -17.19
CA ILE A 462 -10.98 12.10 -17.91
C ILE A 462 -10.71 12.21 -19.40
N LEU A 463 -9.44 12.42 -19.76
CA LEU A 463 -9.04 12.59 -21.16
C LEU A 463 -9.10 11.30 -21.96
N TYR A 464 -8.53 10.23 -21.40
CA TYR A 464 -8.48 8.93 -22.07
C TYR A 464 -9.85 8.39 -22.46
N ALA A 465 -10.82 8.54 -21.56
CA ALA A 465 -12.17 8.04 -21.82
C ALA A 465 -12.75 8.68 -23.08
N VAL A 466 -12.42 9.95 -23.32
CA VAL A 466 -12.87 10.67 -24.50
C VAL A 466 -11.75 10.84 -25.54
N HIS A 491 23.44 17.87 -21.56
CA HIS A 491 22.14 17.21 -21.67
C HIS A 491 21.99 16.11 -20.61
N PHE A 492 22.75 15.03 -20.72
CA PHE A 492 22.92 14.16 -19.57
C PHE A 492 23.46 15.02 -18.46
N PHE A 493 23.09 16.29 -18.57
CA PHE A 493 23.39 17.33 -17.62
C PHE A 493 22.11 17.90 -17.06
N LEU A 494 21.04 17.90 -17.86
CA LEU A 494 19.71 18.30 -17.38
C LEU A 494 18.96 17.13 -16.72
N HIS A 495 18.07 17.43 -15.78
CA HIS A 495 17.51 16.41 -14.86
C HIS A 495 16.76 15.28 -15.56
N PRO A 496 16.87 14.04 -15.02
CA PRO A 496 16.14 12.88 -15.54
C PRO A 496 14.64 13.11 -15.61
N ARG A 497 14.05 13.69 -14.56
CA ARG A 497 12.62 14.01 -14.56
C ARG A 497 12.22 14.70 -15.85
N ALA A 498 13.23 15.11 -16.63
CA ALA A 498 13.03 16.14 -17.66
C ALA A 498 13.64 15.88 -19.05
N ARG A 499 14.61 14.98 -19.15
CA ARG A 499 15.17 14.56 -20.45
C ARG A 499 14.04 14.18 -21.40
N SER A 500 14.23 13.18 -22.26
CA SER A 500 13.16 12.94 -23.24
C SER A 500 13.04 11.58 -23.95
N PRO A 501 14.17 10.87 -24.14
CA PRO A 501 14.23 9.82 -25.16
C PRO A 501 12.95 9.68 -26.03
N GLN B 12 -7.30 -15.02 35.70
CA GLN B 12 -7.34 -16.42 36.11
C GLN B 12 -7.40 -17.36 34.90
N LEU B 13 -6.41 -17.22 34.02
CA LEU B 13 -6.35 -17.98 32.78
C LEU B 13 -4.91 -18.27 32.36
N THR B 14 -4.42 -19.47 32.66
CA THR B 14 -3.06 -19.87 32.34
C THR B 14 -2.86 -20.13 30.85
N LEU B 15 -1.68 -20.63 30.48
CA LEU B 15 -1.35 -20.95 29.09
C LEU B 15 -2.44 -21.74 28.39
N LEU B 16 -2.69 -22.94 28.93
CA LEU B 16 -3.73 -23.81 28.39
C LEU B 16 -5.02 -23.02 28.26
N GLY B 17 -5.28 -22.16 29.23
CA GLY B 17 -6.49 -21.36 29.24
C GLY B 17 -6.68 -20.57 27.98
N PHE B 18 -5.63 -19.85 27.57
CA PHE B 18 -5.71 -19.08 26.35
C PHE B 18 -5.73 -19.98 25.11
N PHE B 19 -4.96 -21.07 25.12
CA PHE B 19 -5.04 -21.98 23.98
C PHE B 19 -6.43 -22.58 23.87
N ALA B 20 -7.20 -22.41 24.93
CA ALA B 20 -8.57 -22.89 24.97
C ALA B 20 -9.48 -21.81 24.44
N ILE B 21 -9.83 -20.88 25.31
CA ILE B 21 -10.79 -19.84 24.94
C ILE B 21 -10.70 -19.46 23.45
N THR B 22 -9.51 -19.41 22.86
CA THR B 22 -9.47 -19.28 21.41
C THR B 22 -9.62 -20.66 20.76
N ALA B 23 -8.50 -21.32 20.51
CA ALA B 23 -8.44 -22.62 19.84
C ALA B 23 -9.54 -22.93 18.82
N SER B 24 -10.69 -22.27 18.92
CA SER B 24 -11.83 -22.59 18.07
C SER B 24 -11.51 -22.43 16.58
N MET B 25 -10.37 -21.79 16.29
CA MET B 25 -9.97 -21.43 14.93
C MET B 25 -8.93 -22.39 14.32
N VAL B 26 -8.40 -23.28 15.13
CA VAL B 26 -7.55 -24.38 14.68
C VAL B 26 -8.22 -25.26 13.61
N MET B 27 -9.53 -25.47 13.76
CA MET B 27 -10.31 -26.16 12.74
C MET B 27 -10.75 -25.15 11.68
N ALA B 28 -10.28 -25.31 10.45
CA ALA B 28 -10.78 -24.49 9.34
C ALA B 28 -11.02 -25.36 8.12
N VAL B 29 -12.23 -25.91 8.05
CA VAL B 29 -12.61 -26.87 7.03
C VAL B 29 -12.91 -26.20 5.70
N TYR B 30 -13.81 -25.23 5.72
CA TYR B 30 -14.37 -24.60 4.52
C TYR B 30 -13.34 -24.53 3.42
N GLU B 31 -12.09 -24.46 3.84
CA GLU B 31 -10.98 -24.21 2.95
C GLU B 31 -10.38 -25.51 2.47
N TYR B 32 -10.15 -26.45 3.38
CA TYR B 32 -9.46 -27.69 3.05
C TYR B 32 -9.43 -27.95 1.55
N PRO B 33 -10.60 -27.96 0.87
CA PRO B 33 -10.60 -28.00 -0.59
C PRO B 33 -9.51 -27.13 -1.21
N THR B 34 -9.64 -25.81 -1.14
CA THR B 34 -8.64 -24.93 -1.75
C THR B 34 -7.21 -25.06 -1.14
N PHE B 35 -7.11 -25.17 0.19
CA PHE B 35 -5.84 -25.59 0.80
C PHE B 35 -5.13 -26.70 0.01
N ALA B 36 -5.90 -27.64 -0.55
CA ALA B 36 -5.33 -28.83 -1.19
C ALA B 36 -4.55 -28.52 -2.47
N THR B 37 -5.05 -27.55 -3.24
CA THR B 37 -4.46 -27.20 -4.53
C THR B 37 -2.95 -26.92 -4.50
N SER B 38 -2.45 -26.50 -3.34
CA SER B 38 -1.01 -26.28 -3.17
C SER B 38 -0.24 -27.60 -3.04
N GLY B 39 -0.96 -28.72 -3.09
CA GLY B 39 -0.29 -30.00 -2.95
C GLY B 39 0.52 -29.95 -1.67
N PHE B 40 1.69 -30.58 -1.66
CA PHE B 40 2.49 -30.64 -0.43
C PHE B 40 2.82 -29.22 0.04
N SER B 41 3.02 -28.32 -0.90
CA SER B 41 3.42 -26.96 -0.57
C SER B 41 2.41 -26.23 0.32
N LEU B 42 1.27 -26.86 0.59
CA LEU B 42 0.31 -26.26 1.50
C LEU B 42 0.93 -26.15 2.89
N VAL B 43 1.77 -27.12 3.26
CA VAL B 43 2.47 -27.05 4.54
C VAL B 43 3.42 -25.84 4.56
N PHE B 44 4.15 -25.63 3.46
CA PHE B 44 4.90 -24.40 3.33
C PHE B 44 3.97 -23.23 3.63
N PHE B 45 2.91 -23.07 2.84
CA PHE B 45 2.01 -21.94 3.00
C PHE B 45 1.57 -21.69 4.44
N LEU B 46 1.27 -22.77 5.16
CA LEU B 46 0.91 -22.63 6.57
C LEU B 46 2.08 -22.07 7.37
N LEU B 47 3.27 -22.64 7.19
CA LEU B 47 4.45 -22.12 7.88
C LEU B 47 4.59 -20.62 7.66
N LEU B 48 4.57 -20.24 6.39
CA LEU B 48 4.67 -18.85 5.98
C LEU B 48 3.64 -18.00 6.72
N GLY B 49 2.37 -18.16 6.39
CA GLY B 49 1.33 -17.36 7.03
C GLY B 49 1.42 -17.32 8.55
N GLY B 50 1.69 -18.47 9.15
CA GLY B 50 1.73 -18.60 10.60
C GLY B 50 2.87 -17.86 11.26
N ILE B 51 4.06 -17.94 10.68
CA ILE B 51 5.20 -17.21 11.24
C ILE B 51 5.07 -15.76 10.86
N LEU B 52 5.20 -15.49 9.57
CA LEU B 52 5.32 -14.12 9.07
C LEU B 52 4.04 -13.31 9.14
N TRP B 53 3.02 -13.79 9.83
CA TRP B 53 1.79 -13.01 9.90
C TRP B 53 0.98 -13.25 11.14
N PHE B 54 0.43 -14.46 11.26
CA PHE B 54 -0.28 -14.87 12.45
C PHE B 54 0.44 -14.39 13.72
N ILE B 55 1.63 -14.93 13.99
CA ILE B 55 2.35 -14.55 15.21
C ILE B 55 2.56 -13.05 15.36
N PRO B 56 2.89 -12.33 14.27
CA PRO B 56 3.00 -10.88 14.37
C PRO B 56 1.67 -10.23 14.70
N VAL B 57 0.64 -10.51 13.92
CA VAL B 57 -0.70 -9.98 14.19
C VAL B 57 -1.09 -10.17 15.65
N GLY B 58 -0.87 -11.38 16.15
CA GLY B 58 -1.15 -11.67 17.53
C GLY B 58 -0.33 -10.79 18.45
N LEU B 59 0.98 -10.90 18.33
CA LEU B 59 1.90 -10.21 19.23
C LEU B 59 1.60 -8.70 19.33
N CYS B 60 1.50 -8.02 18.19
CA CYS B 60 1.07 -6.64 18.18
C CYS B 60 -0.28 -6.43 18.87
N ALA B 61 -1.32 -7.09 18.36
CA ALA B 61 -2.67 -6.91 18.90
C ALA B 61 -2.71 -7.02 20.43
N ALA B 62 -1.97 -7.99 20.95
CA ALA B 62 -1.88 -8.23 22.38
C ALA B 62 -1.21 -7.06 23.08
N GLU B 63 0.01 -6.72 22.65
CA GLU B 63 0.74 -5.63 23.30
C GLU B 63 -0.09 -4.35 23.38
N MET B 64 -0.74 -3.98 22.28
CA MET B 64 -1.61 -2.80 22.32
C MET B 64 -2.79 -3.01 23.27
N ALA B 65 -3.50 -4.12 23.11
CA ALA B 65 -4.65 -4.39 23.96
C ALA B 65 -4.37 -4.21 25.46
N THR B 66 -3.25 -4.75 25.94
CA THR B 66 -2.98 -4.90 27.36
C THR B 66 -2.43 -3.68 28.10
N VAL B 67 -3.14 -2.55 28.03
CA VAL B 67 -2.68 -1.37 28.76
C VAL B 67 -3.60 -0.15 28.67
N ASP B 68 -4.22 0.04 27.49
CA ASP B 68 -4.98 1.27 27.21
C ASP B 68 -6.31 1.45 28.01
N GLY B 69 -7.46 1.07 27.45
CA GLY B 69 -7.59 0.49 26.13
C GLY B 69 -9.02 0.28 25.65
N TRP B 70 -9.46 -0.98 25.75
CA TRP B 70 -10.74 -1.45 25.23
C TRP B 70 -11.89 -0.46 25.37
N GLY B 74 -11.84 -3.40 21.49
CA GLY B 74 -11.76 -3.79 20.09
C GLY B 74 -10.56 -3.20 19.38
N VAL B 75 -10.37 -3.54 18.11
CA VAL B 75 -9.33 -2.89 17.35
C VAL B 75 -9.76 -1.43 17.22
N PHE B 76 -11.07 -1.24 17.19
CA PHE B 76 -11.65 0.09 17.16
C PHE B 76 -10.87 0.93 18.14
N ALA B 77 -10.55 0.33 19.27
CA ALA B 77 -9.82 1.01 20.32
C ALA B 77 -8.40 1.29 19.90
N TRP B 78 -7.63 0.25 19.65
CA TRP B 78 -6.21 0.40 19.36
C TRP B 78 -5.88 1.41 18.22
N VAL B 79 -6.65 1.33 17.14
CA VAL B 79 -6.57 2.31 16.07
C VAL B 79 -7.05 3.69 16.52
N SER B 80 -8.17 3.73 17.23
CA SER B 80 -8.71 5.01 17.70
C SER B 80 -7.63 5.80 18.44
N ASN B 81 -6.97 5.12 19.37
CA ASN B 81 -5.82 5.65 20.09
C ASN B 81 -4.72 6.11 19.14
N THR B 82 -4.23 5.20 18.31
CA THR B 82 -3.00 5.49 17.55
C THR B 82 -3.14 6.43 16.35
N LEU B 83 -4.25 6.36 15.63
CA LEU B 83 -4.36 7.10 14.38
C LEU B 83 -5.47 8.15 14.40
N GLY B 84 -6.62 7.82 14.96
CA GLY B 84 -7.72 8.76 15.00
C GLY B 84 -8.98 8.11 15.48
N PRO B 85 -10.13 8.77 15.26
CA PRO B 85 -11.44 8.18 15.53
C PRO B 85 -12.06 7.78 14.21
N ARG B 86 -11.63 8.43 13.14
CA ARG B 86 -12.03 8.03 11.80
C ARG B 86 -11.41 6.68 11.47
N TRP B 87 -10.10 6.62 11.61
CA TRP B 87 -9.37 5.48 11.16
C TRP B 87 -9.79 4.21 11.93
N GLY B 88 -10.11 4.37 13.22
CA GLY B 88 -10.58 3.26 14.05
C GLY B 88 -11.99 2.77 13.78
N PHE B 89 -12.88 3.71 13.46
CA PHE B 89 -14.23 3.38 13.03
C PHE B 89 -14.18 2.56 11.75
N ALA B 90 -13.35 2.99 10.81
CA ALA B 90 -13.14 2.16 9.63
C ALA B 90 -12.63 0.77 10.05
N ALA B 91 -11.66 0.75 10.96
CA ALA B 91 -11.05 -0.50 11.40
C ALA B 91 -12.12 -1.48 11.75
N ILE B 92 -13.06 -1.00 12.56
CA ILE B 92 -14.13 -1.86 13.07
C ILE B 92 -15.09 -2.27 11.96
N SER B 93 -15.50 -1.30 11.14
CA SER B 93 -16.45 -1.60 10.05
C SER B 93 -15.90 -2.61 9.03
N PHE B 94 -14.58 -2.70 8.97
CA PHE B 94 -13.94 -3.69 8.15
C PHE B 94 -13.97 -5.01 8.90
N GLY B 95 -13.55 -4.97 10.16
CA GLY B 95 -13.70 -6.13 11.03
C GLY B 95 -15.14 -6.54 11.27
N TYR B 96 -16.01 -6.02 10.42
CA TYR B 96 -17.44 -6.27 10.48
C TYR B 96 -17.92 -6.81 9.13
N LEU B 97 -17.57 -6.10 8.05
CA LEU B 97 -17.93 -6.55 6.71
C LEU B 97 -17.14 -7.80 6.26
N GLN B 98 -15.96 -7.98 6.81
CA GLN B 98 -15.17 -9.13 6.42
C GLN B 98 -15.98 -10.34 6.79
N ILE B 99 -16.85 -10.15 7.78
CA ILE B 99 -17.87 -11.13 8.17
C ILE B 99 -19.05 -11.09 7.20
N ALA B 100 -19.74 -9.95 7.17
CA ALA B 100 -20.90 -9.86 6.28
C ALA B 100 -20.68 -10.49 4.90
N ILE B 101 -19.44 -10.83 4.60
CA ILE B 101 -19.14 -11.48 3.30
C ILE B 101 -18.43 -12.82 3.42
N GLY B 102 -17.58 -12.97 4.42
CA GLY B 102 -16.91 -14.23 4.65
C GLY B 102 -17.96 -15.29 4.88
N PHE B 103 -19.19 -14.81 5.06
CA PHE B 103 -20.42 -15.60 5.25
C PHE B 103 -20.68 -16.54 4.09
N ILE B 104 -20.25 -16.10 2.91
CA ILE B 104 -20.62 -16.70 1.64
C ILE B 104 -19.99 -18.07 1.40
N PRO B 105 -18.64 -18.12 1.38
CA PRO B 105 -18.01 -19.41 1.10
C PRO B 105 -18.60 -20.49 2.00
N MET B 106 -19.16 -20.05 3.12
CA MET B 106 -19.80 -20.96 4.04
C MET B 106 -21.18 -21.41 3.52
N LEU B 107 -21.87 -20.52 2.81
CA LEU B 107 -23.09 -20.90 2.12
C LEU B 107 -22.77 -21.89 1.00
N TYR B 108 -21.67 -21.64 0.30
CA TYR B 108 -21.29 -22.49 -0.81
C TYR B 108 -20.97 -23.84 -0.25
N PHE B 109 -20.42 -23.85 0.96
CA PHE B 109 -20.19 -25.13 1.60
C PHE B 109 -21.49 -25.82 1.97
N VAL B 110 -22.42 -25.06 2.54
CA VAL B 110 -23.71 -25.61 2.89
C VAL B 110 -24.26 -26.31 1.66
N LEU B 111 -24.19 -25.59 0.54
CA LEU B 111 -24.87 -26.02 -0.66
C LEU B 111 -24.19 -27.23 -1.21
N GLY B 112 -22.87 -27.26 -1.11
CA GLY B 112 -22.13 -28.42 -1.54
C GLY B 112 -22.62 -29.62 -0.76
N ALA B 113 -22.87 -29.39 0.53
CA ALA B 113 -23.23 -30.45 1.45
C ALA B 113 -24.61 -31.03 1.16
N LEU B 114 -25.62 -30.14 1.12
CA LEU B 114 -26.96 -30.54 0.74
C LEU B 114 -26.82 -31.30 -0.55
N SER B 115 -26.07 -30.71 -1.48
CA SER B 115 -25.80 -31.29 -2.79
C SER B 115 -25.43 -32.77 -2.70
N TYR B 116 -24.45 -33.11 -1.87
CA TYR B 116 -24.01 -34.50 -1.76
C TYR B 116 -24.97 -35.40 -0.96
N ILE B 117 -25.81 -34.78 -0.12
CA ILE B 117 -26.89 -35.52 0.51
C ILE B 117 -27.94 -35.87 -0.54
N LEU B 118 -28.61 -34.85 -1.08
CA LEU B 118 -29.75 -35.02 -1.99
C LEU B 118 -29.41 -35.64 -3.36
N LYS B 119 -28.21 -36.22 -3.45
CA LYS B 119 -27.60 -36.55 -4.73
C LYS B 119 -28.18 -35.64 -5.78
N TRP B 120 -27.53 -34.48 -5.89
CA TRP B 120 -27.99 -33.31 -6.63
C TRP B 120 -26.84 -32.35 -6.92
N PRO B 121 -25.93 -32.72 -7.84
CA PRO B 121 -24.76 -31.86 -8.03
C PRO B 121 -25.19 -30.52 -8.57
N ALA B 122 -26.41 -30.43 -9.09
CA ALA B 122 -26.94 -29.15 -9.57
C ALA B 122 -26.89 -28.03 -8.52
N LEU B 123 -27.01 -28.40 -7.25
CA LEU B 123 -27.04 -27.44 -6.15
C LEU B 123 -25.73 -26.66 -5.97
N ASN B 124 -24.66 -27.22 -6.50
CA ASN B 124 -23.33 -26.69 -6.25
C ASN B 124 -22.71 -26.14 -7.52
N GLU B 125 -23.01 -26.77 -8.66
CA GLU B 125 -22.59 -26.24 -9.95
C GLU B 125 -23.47 -25.07 -10.36
N ASP B 126 -24.66 -25.38 -10.85
CA ASP B 126 -25.58 -24.36 -11.34
C ASP B 126 -25.52 -23.08 -10.51
N PRO B 127 -25.39 -21.93 -11.19
CA PRO B 127 -25.42 -20.62 -10.53
C PRO B 127 -26.77 -20.28 -9.91
N ILE B 128 -27.84 -20.28 -10.71
CA ILE B 128 -29.15 -19.82 -10.24
C ILE B 128 -29.74 -20.59 -9.05
N THR B 129 -29.69 -21.92 -9.10
CA THR B 129 -30.10 -22.63 -7.90
C THR B 129 -29.17 -22.15 -6.81
N LYS B 130 -27.87 -22.45 -6.94
CA LYS B 130 -26.94 -22.17 -5.86
C LYS B 130 -27.27 -20.85 -5.16
N THR B 131 -27.58 -19.81 -5.93
CA THR B 131 -27.97 -18.55 -5.32
C THR B 131 -29.31 -18.64 -4.57
N ILE B 132 -30.39 -19.07 -5.22
CA ILE B 132 -31.66 -19.02 -4.49
C ILE B 132 -31.68 -20.01 -3.28
N ALA B 133 -30.94 -21.11 -3.40
CA ALA B 133 -30.76 -22.03 -2.28
C ALA B 133 -30.00 -21.38 -1.12
N ALA B 134 -28.76 -20.94 -1.36
CA ALA B 134 -27.95 -20.39 -0.29
C ALA B 134 -28.54 -19.09 0.28
N LEU B 135 -29.36 -18.46 -0.54
CA LEU B 135 -30.07 -17.25 -0.17
C LEU B 135 -31.28 -17.55 0.74
N ILE B 136 -32.01 -18.62 0.43
CA ILE B 136 -33.13 -19.05 1.27
C ILE B 136 -32.61 -19.53 2.62
N ILE B 137 -31.53 -20.31 2.61
CA ILE B 137 -30.90 -20.71 3.86
C ILE B 137 -30.43 -19.50 4.67
N LEU B 138 -29.87 -18.51 3.98
CA LEU B 138 -29.40 -17.28 4.65
C LEU B 138 -30.54 -16.61 5.38
N TRP B 139 -31.60 -16.29 4.65
CA TRP B 139 -32.70 -15.59 5.29
C TRP B 139 -33.51 -16.42 6.31
N ALA B 140 -33.56 -17.74 6.14
CA ALA B 140 -34.25 -18.58 7.10
C ALA B 140 -33.43 -18.62 8.39
N LEU B 141 -32.11 -18.67 8.26
CA LEU B 141 -31.22 -18.59 9.42
C LEU B 141 -31.33 -17.23 10.12
N ALA B 142 -31.52 -16.18 9.33
CA ALA B 142 -31.85 -14.89 9.91
C ALA B 142 -33.17 -15.00 10.70
N LEU B 143 -34.11 -15.79 10.18
CA LEU B 143 -35.36 -15.98 10.89
C LEU B 143 -35.19 -16.68 12.23
N THR B 144 -34.40 -17.74 12.27
CA THR B 144 -34.17 -18.39 13.56
C THR B 144 -33.51 -17.38 14.49
N GLN B 145 -32.58 -16.60 13.95
CA GLN B 145 -31.81 -15.70 14.79
C GLN B 145 -32.54 -14.48 15.36
N PHE B 146 -33.54 -13.97 14.65
CA PHE B 146 -34.16 -12.72 15.10
C PHE B 146 -34.75 -12.84 16.50
N GLY B 147 -35.39 -13.97 16.79
CA GLY B 147 -36.12 -14.14 18.03
C GLY B 147 -35.31 -13.92 19.28
N GLY B 148 -33.99 -14.00 19.15
CA GLY B 148 -33.12 -13.80 20.29
C GLY B 148 -31.96 -14.76 20.34
N THR B 149 -30.78 -14.19 20.58
CA THR B 149 -29.53 -14.93 20.67
C THR B 149 -29.47 -16.04 21.74
N LYS B 150 -30.61 -16.35 22.35
CA LYS B 150 -30.61 -17.28 23.48
C LYS B 150 -30.00 -18.64 23.15
N TYR B 151 -30.31 -19.19 21.98
CA TYR B 151 -29.85 -20.54 21.61
C TYR B 151 -28.37 -20.68 21.19
N THR B 152 -27.94 -19.83 20.27
CA THR B 152 -26.74 -20.05 19.46
C THR B 152 -25.43 -20.54 20.10
N ALA B 153 -25.01 -19.92 21.21
CA ALA B 153 -23.78 -20.37 21.88
C ALA B 153 -23.70 -21.90 21.94
N ARG B 154 -24.71 -22.52 22.56
CA ARG B 154 -24.74 -23.96 22.79
C ARG B 154 -25.14 -24.74 21.54
N ILE B 155 -26.09 -24.22 20.77
CA ILE B 155 -26.42 -24.80 19.48
C ILE B 155 -25.11 -25.13 18.76
N ALA B 156 -24.23 -24.13 18.69
CA ALA B 156 -22.96 -24.30 18.00
C ALA B 156 -21.88 -24.98 18.85
N LYS B 157 -22.10 -25.11 20.15
CA LYS B 157 -21.18 -25.97 20.91
C LYS B 157 -21.35 -27.41 20.43
N VAL B 158 -22.60 -27.87 20.41
CA VAL B 158 -22.89 -29.19 19.86
C VAL B 158 -22.58 -29.20 18.36
N GLY B 159 -22.65 -28.03 17.74
CA GLY B 159 -22.30 -27.90 16.33
C GLY B 159 -20.86 -28.30 16.10
N PHE B 160 -19.94 -27.52 16.66
CA PHE B 160 -18.52 -27.80 16.57
C PHE B 160 -18.27 -29.26 16.93
N PHE B 161 -18.77 -29.66 18.09
CA PHE B 161 -18.46 -31.01 18.56
C PHE B 161 -18.87 -32.08 17.54
N ALA B 162 -20.05 -31.95 16.94
CA ALA B 162 -20.60 -33.03 16.10
C ALA B 162 -20.19 -32.94 14.64
N GLY B 163 -20.43 -31.79 14.01
CA GLY B 163 -20.08 -31.58 12.62
C GLY B 163 -18.81 -30.73 12.42
N ILE B 164 -17.78 -31.07 13.19
CA ILE B 164 -16.44 -30.54 12.94
C ILE B 164 -15.37 -31.38 13.63
N LEU B 165 -15.47 -31.55 14.95
CA LEU B 165 -14.48 -32.37 15.60
C LEU B 165 -14.61 -33.78 15.05
N LEU B 166 -15.85 -34.22 14.96
CA LEU B 166 -16.16 -35.59 14.60
C LEU B 166 -15.93 -35.86 13.11
N PRO B 167 -16.67 -35.19 12.22
CA PRO B 167 -16.42 -35.57 10.83
C PRO B 167 -14.94 -35.48 10.52
N ALA B 168 -14.26 -34.50 11.11
CA ALA B 168 -12.82 -34.35 10.90
C ALA B 168 -12.02 -35.56 11.40
N PHE B 169 -12.18 -35.93 12.67
CA PHE B 169 -11.44 -37.08 13.17
C PHE B 169 -11.74 -38.31 12.32
N ILE B 170 -12.98 -38.39 11.83
CA ILE B 170 -13.39 -39.51 10.99
C ILE B 170 -12.68 -39.48 9.64
N LEU B 171 -12.44 -38.29 9.11
CA LEU B 171 -11.72 -38.15 7.84
C LEU B 171 -10.23 -38.43 8.00
N ILE B 172 -9.62 -37.78 8.98
CA ILE B 172 -8.23 -38.02 9.32
C ILE B 172 -8.01 -39.51 9.43
N ALA B 173 -8.93 -40.19 10.11
CA ALA B 173 -8.81 -41.63 10.35
C ALA B 173 -9.01 -42.43 9.07
N LEU B 174 -10.08 -42.10 8.35
CA LEU B 174 -10.45 -42.77 7.11
C LEU B 174 -9.30 -42.71 6.12
N ALA B 175 -8.93 -41.50 5.71
CA ALA B 175 -7.77 -41.31 4.86
C ALA B 175 -6.55 -42.02 5.44
N ALA B 176 -6.19 -41.69 6.68
CA ALA B 176 -4.97 -42.21 7.29
C ALA B 176 -4.95 -43.73 7.28
N ILE B 177 -6.09 -44.31 6.96
CA ILE B 177 -6.14 -45.75 6.72
C ILE B 177 -5.97 -46.07 5.24
N TYR B 178 -6.53 -45.23 4.37
CA TYR B 178 -6.22 -45.28 2.95
C TYR B 178 -4.69 -45.19 2.78
N LEU B 179 -4.00 -44.76 3.84
CA LEU B 179 -2.53 -44.68 3.83
C LEU B 179 -1.89 -46.00 3.43
N HIS B 180 -2.67 -47.08 3.51
CA HIS B 180 -2.19 -48.42 3.17
C HIS B 180 -2.59 -48.84 1.75
N SER B 181 -2.38 -47.95 0.78
CA SER B 181 -2.72 -48.18 -0.63
C SER B 181 -2.17 -47.06 -1.53
N THR B 193 8.52 -29.24 3.14
CA THR B 193 7.79 -27.99 2.97
C THR B 193 7.31 -27.83 1.54
N PHE B 194 8.02 -28.48 0.64
CA PHE B 194 7.81 -28.32 -0.81
C PHE B 194 7.84 -26.86 -1.27
N PHE B 195 8.97 -26.19 -0.99
CA PHE B 195 9.37 -24.93 -1.63
C PHE B 195 8.69 -24.94 -2.99
N PRO B 196 7.40 -24.49 -3.04
CA PRO B 196 6.47 -24.72 -4.16
C PRO B 196 6.89 -24.02 -5.44
N ASP B 197 6.13 -24.26 -6.51
CA ASP B 197 6.44 -23.66 -7.80
C ASP B 197 6.05 -22.17 -7.81
N PHE B 198 7.05 -21.31 -7.90
CA PHE B 198 6.81 -19.87 -8.02
C PHE B 198 6.42 -19.51 -9.46
N SER B 199 6.56 -20.47 -10.38
CA SER B 199 6.49 -20.22 -11.83
C SER B 199 5.15 -19.75 -12.40
N LYS B 200 4.24 -20.70 -12.65
CA LYS B 200 3.03 -20.44 -13.44
C LYS B 200 2.10 -19.35 -12.88
N VAL B 201 1.47 -18.62 -13.79
CA VAL B 201 0.62 -17.49 -13.41
C VAL B 201 -0.66 -17.92 -12.69
N GLY B 202 -0.96 -17.25 -11.58
CA GLY B 202 -2.14 -17.53 -10.78
C GLY B 202 -1.83 -18.53 -9.68
N THR B 203 -0.55 -18.69 -9.45
CA THR B 203 -0.04 -19.71 -8.55
C THR B 203 -0.18 -19.38 -7.07
N LEU B 204 -0.35 -18.10 -6.74
CA LEU B 204 -0.30 -17.63 -5.34
C LEU B 204 -1.66 -17.18 -4.81
N VAL B 205 -2.52 -16.70 -5.69
CA VAL B 205 -3.86 -16.28 -5.27
C VAL B 205 -4.38 -17.17 -4.14
N VAL B 206 -3.94 -18.42 -4.11
CA VAL B 206 -4.47 -19.35 -3.11
C VAL B 206 -4.12 -18.95 -1.68
N PHE B 207 -3.08 -18.14 -1.53
CA PHE B 207 -2.70 -17.69 -0.20
C PHE B 207 -3.89 -17.06 0.48
N VAL B 208 -4.73 -16.39 -0.32
CA VAL B 208 -5.96 -15.86 0.20
C VAL B 208 -6.44 -16.81 1.32
N ALA B 209 -6.86 -18.01 0.93
CA ALA B 209 -7.50 -18.93 1.87
C ALA B 209 -6.62 -19.27 3.05
N PHE B 210 -5.36 -19.60 2.80
CA PHE B 210 -4.47 -19.93 3.90
C PHE B 210 -4.51 -18.83 4.97
N ILE B 211 -4.35 -17.59 4.53
CA ILE B 211 -4.26 -16.51 5.49
C ILE B 211 -5.63 -16.30 6.15
N LEU B 212 -6.70 -16.54 5.40
CA LEU B 212 -8.02 -16.49 6.02
C LEU B 212 -8.14 -17.43 7.22
N SER B 213 -7.45 -18.58 7.21
CA SER B 213 -7.54 -19.45 8.38
C SER B 213 -7.09 -18.71 9.62
N TYR B 214 -6.06 -17.87 9.50
CA TYR B 214 -5.44 -17.24 10.65
C TYR B 214 -6.11 -15.93 11.07
N MET B 215 -6.92 -15.36 10.19
CA MET B 215 -7.56 -14.08 10.50
C MET B 215 -8.50 -14.19 11.69
N GLY B 216 -8.65 -13.08 12.41
CA GLY B 216 -9.62 -12.97 13.49
C GLY B 216 -9.15 -13.19 14.92
N VAL B 217 -7.84 -13.24 15.18
CA VAL B 217 -7.32 -13.46 16.54
C VAL B 217 -7.36 -12.26 17.46
N GLU B 218 -7.52 -11.08 16.89
CA GLU B 218 -7.61 -9.88 17.72
C GLU B 218 -8.89 -9.84 18.56
N ALA B 219 -9.51 -10.99 18.80
CA ALA B 219 -10.88 -10.97 19.29
C ALA B 219 -11.14 -10.47 20.72
N SER B 220 -10.70 -11.13 21.81
CA SER B 220 -9.71 -12.22 21.95
C SER B 220 -8.27 -11.74 22.18
N ALA B 221 -7.98 -10.52 21.77
CA ALA B 221 -6.75 -9.89 22.21
C ALA B 221 -6.89 -9.59 23.71
N THR B 222 -8.04 -9.04 24.07
CA THR B 222 -8.30 -8.68 25.45
C THR B 222 -8.08 -9.86 26.39
N HIS B 223 -8.76 -10.98 26.14
CA HIS B 223 -8.74 -12.11 27.08
C HIS B 223 -7.33 -12.50 27.50
N VAL B 224 -6.36 -11.65 27.18
CA VAL B 224 -5.00 -11.80 27.70
C VAL B 224 -4.99 -11.27 29.13
N ASN B 225 -6.07 -10.58 29.52
CA ASN B 225 -6.18 -9.99 30.86
C ASN B 225 -7.10 -10.80 31.80
N GLU B 226 -8.15 -11.41 31.25
CA GLU B 226 -8.87 -12.46 31.96
C GLU B 226 -7.81 -13.56 32.17
N MET B 227 -6.64 -13.32 31.58
CA MET B 227 -5.42 -14.12 31.71
C MET B 227 -4.39 -13.36 32.54
N SER B 228 -3.42 -14.08 33.10
CA SER B 228 -2.50 -13.50 34.08
C SER B 228 -1.02 -13.74 33.75
N ASN B 229 -0.21 -12.71 34.01
CA ASN B 229 1.26 -12.72 33.79
C ASN B 229 1.76 -13.12 32.39
N PRO B 230 1.20 -12.49 31.34
CA PRO B 230 1.62 -12.88 29.99
C PRO B 230 3.14 -13.08 29.88
N GLY B 231 3.85 -12.07 29.39
CA GLY B 231 5.30 -12.19 29.21
C GLY B 231 5.60 -13.35 28.27
N ARG B 232 6.73 -14.02 28.48
CA ARG B 232 7.02 -15.25 27.74
C ARG B 232 6.16 -16.39 28.28
N ASP B 233 5.14 -16.75 27.51
CA ASP B 233 4.07 -17.64 27.96
C ASP B 233 2.94 -17.61 26.93
N TYR B 234 2.31 -16.45 26.81
CA TYR B 234 1.33 -16.17 25.77
C TYR B 234 1.97 -16.31 24.38
N PRO B 235 3.20 -15.79 24.19
CA PRO B 235 3.83 -16.07 22.90
C PRO B 235 3.88 -17.57 22.64
N LEU B 236 3.83 -18.36 23.72
CA LEU B 236 3.79 -19.80 23.58
C LEU B 236 2.40 -20.31 23.20
N ALA B 237 1.34 -19.67 23.73
CA ALA B 237 0.00 -19.99 23.28
C ALA B 237 -0.06 -19.78 21.77
N MET B 238 0.30 -18.58 21.33
CA MET B 238 0.42 -18.31 19.91
C MET B 238 1.23 -19.40 19.24
N LEU B 239 2.36 -19.75 19.85
CA LEU B 239 3.25 -20.76 19.29
C LEU B 239 2.45 -22.01 18.95
N LEU B 240 1.74 -22.54 19.96
CA LEU B 240 0.91 -23.72 19.82
C LEU B 240 -0.20 -23.43 18.83
N LEU B 241 -1.29 -22.83 19.32
CA LEU B 241 -2.38 -22.38 18.47
C LEU B 241 -1.97 -22.37 17.00
N MET B 242 -0.83 -21.76 16.71
CA MET B 242 -0.27 -21.79 15.37
C MET B 242 0.04 -23.21 14.98
N VAL B 243 0.90 -23.87 15.75
CA VAL B 243 1.32 -25.24 15.44
C VAL B 243 0.11 -26.17 15.24
N ALA B 244 -0.94 -25.97 16.05
CA ALA B 244 -2.19 -26.65 15.80
C ALA B 244 -2.70 -26.27 14.41
N ALA B 245 -3.28 -25.08 14.26
CA ALA B 245 -3.88 -24.68 12.98
C ALA B 245 -3.07 -25.23 11.79
N ILE B 246 -1.76 -25.37 12.00
CA ILE B 246 -0.88 -25.96 10.99
C ILE B 246 -1.15 -27.43 10.80
N CYS B 247 -0.73 -28.26 11.76
CA CYS B 247 -0.81 -29.71 11.54
C CYS B 247 -2.25 -30.24 11.50
N LEU B 248 -3.13 -29.57 12.24
CA LEU B 248 -4.55 -29.87 12.17
C LEU B 248 -5.05 -29.49 10.77
N SER B 249 -4.92 -28.22 10.39
CA SER B 249 -5.45 -27.80 9.08
C SER B 249 -4.57 -28.17 7.89
N SER B 250 -3.66 -29.12 8.06
CA SER B 250 -2.94 -29.69 6.91
C SER B 250 -2.92 -31.21 6.91
N VAL B 251 -3.18 -31.83 8.06
CA VAL B 251 -3.46 -33.26 8.06
C VAL B 251 -4.62 -33.44 7.11
N GLY B 252 -5.53 -32.46 7.08
CA GLY B 252 -6.74 -32.53 6.28
C GLY B 252 -6.61 -32.03 4.85
N GLY B 253 -6.25 -30.78 4.71
CA GLY B 253 -5.90 -30.25 3.42
C GLY B 253 -5.01 -31.22 2.66
N LEU B 254 -4.19 -31.97 3.39
CA LEU B 254 -3.40 -33.04 2.79
C LEU B 254 -4.22 -34.32 2.56
N SER B 255 -5.08 -34.70 3.51
CA SER B 255 -5.95 -35.86 3.34
C SER B 255 -6.60 -35.81 1.98
N ILE B 256 -7.36 -34.76 1.70
CA ILE B 256 -7.79 -34.50 0.34
C ILE B 256 -6.56 -34.50 -0.56
N ALA B 257 -5.68 -33.54 -0.26
CA ALA B 257 -4.57 -33.13 -1.09
C ALA B 257 -3.79 -34.24 -1.79
N MET B 258 -3.96 -35.47 -1.33
CA MET B 258 -3.29 -36.57 -2.01
C MET B 258 -4.06 -37.84 -1.77
N VAL B 259 -5.24 -37.84 -2.35
CA VAL B 259 -6.05 -39.01 -2.63
C VAL B 259 -7.17 -38.47 -3.53
N ILE B 260 -6.84 -37.40 -4.26
CA ILE B 260 -7.82 -36.74 -5.13
C ILE B 260 -7.21 -35.88 -6.26
N PRO B 261 -6.41 -34.85 -5.92
CA PRO B 261 -5.86 -33.78 -6.78
C PRO B 261 -5.52 -34.15 -8.23
N GLY B 262 -5.30 -33.14 -9.08
CA GLY B 262 -5.39 -31.74 -8.71
C GLY B 262 -6.60 -31.07 -9.32
N ASN B 263 -6.45 -30.58 -10.54
CA ASN B 263 -7.52 -29.83 -11.22
C ASN B 263 -8.96 -30.41 -11.15
N GLU B 264 -9.17 -31.43 -10.31
CA GLU B 264 -10.52 -31.99 -10.15
C GLU B 264 -11.31 -31.26 -9.08
N ILE B 265 -10.59 -30.82 -8.03
CA ILE B 265 -11.23 -30.40 -6.78
C ILE B 265 -12.25 -29.29 -6.93
N ASN B 266 -13.43 -29.49 -6.37
CA ASN B 266 -14.38 -28.42 -6.27
C ASN B 266 -14.14 -27.74 -4.93
N LEU B 267 -14.25 -26.43 -4.88
CA LEU B 267 -13.85 -25.69 -3.69
C LEU B 267 -14.91 -25.71 -2.61
N SER B 268 -16.17 -25.74 -3.01
CA SER B 268 -17.27 -25.88 -2.04
C SER B 268 -17.42 -27.34 -1.64
N ALA B 269 -17.54 -28.20 -2.66
CA ALA B 269 -17.83 -29.60 -2.46
C ALA B 269 -16.66 -30.40 -1.91
N GLY B 270 -15.44 -29.89 -2.10
CA GLY B 270 -14.23 -30.65 -1.85
C GLY B 270 -14.25 -31.73 -0.77
N VAL B 271 -14.67 -31.36 0.44
CA VAL B 271 -14.62 -32.25 1.60
C VAL B 271 -15.40 -33.54 1.38
N MET B 272 -16.71 -33.41 1.21
CA MET B 272 -17.53 -34.55 0.84
C MET B 272 -16.89 -35.37 -0.30
N GLN B 273 -16.65 -34.73 -1.44
CA GLN B 273 -15.91 -35.37 -2.51
C GLN B 273 -14.90 -36.34 -1.94
N THR B 274 -13.86 -35.79 -1.31
CA THR B 274 -12.80 -36.61 -0.71
C THR B 274 -13.35 -37.74 0.14
N PHE B 275 -14.43 -37.50 0.88
CA PHE B 275 -15.09 -38.65 1.49
C PHE B 275 -15.47 -39.62 0.37
N THR B 276 -16.67 -39.47 -0.20
CA THR B 276 -17.13 -40.40 -1.25
C THR B 276 -16.02 -41.19 -1.97
N VAL B 277 -15.06 -40.51 -2.60
CA VAL B 277 -14.03 -41.26 -3.31
C VAL B 277 -13.17 -42.04 -2.33
N LEU B 278 -12.73 -41.39 -1.26
CA LEU B 278 -11.87 -42.02 -0.28
C LEU B 278 -12.59 -43.23 0.30
N MET B 279 -13.88 -43.07 0.55
CA MET B 279 -14.70 -44.11 1.15
C MET B 279 -14.86 -45.25 0.19
N SER B 280 -14.78 -44.98 -1.09
CA SER B 280 -14.86 -46.04 -2.07
C SER B 280 -13.87 -47.13 -1.70
N HIS B 281 -13.80 -47.44 -0.40
CA HIS B 281 -12.91 -48.49 0.09
C HIS B 281 -13.52 -49.45 1.11
N VAL B 282 -13.69 -49.06 2.36
CA VAL B 282 -14.40 -49.97 3.27
C VAL B 282 -15.82 -50.15 2.71
N ALA B 283 -15.98 -49.63 1.50
CA ALA B 283 -17.26 -49.54 0.80
C ALA B 283 -17.08 -50.05 -0.63
N PRO B 284 -18.10 -49.88 -1.49
CA PRO B 284 -19.42 -49.31 -1.24
C PRO B 284 -20.27 -50.22 -0.34
N GLU B 285 -19.61 -51.14 0.35
CA GLU B 285 -20.24 -51.96 1.37
C GLU B 285 -20.90 -51.05 2.41
N ILE B 286 -20.75 -49.73 2.21
CA ILE B 286 -21.06 -48.74 3.23
C ILE B 286 -20.89 -47.33 2.65
N GLU B 287 -20.54 -47.25 1.35
CA GLU B 287 -20.29 -45.97 0.69
C GLU B 287 -21.49 -45.03 0.79
N TRP B 288 -22.55 -45.49 1.46
CA TRP B 288 -23.77 -44.70 1.60
C TRP B 288 -23.66 -43.81 2.82
N THR B 289 -22.75 -44.19 3.73
CA THR B 289 -22.54 -43.46 4.97
C THR B 289 -22.27 -41.99 4.67
N VAL B 290 -21.56 -41.76 3.58
CA VAL B 290 -21.17 -40.43 3.17
C VAL B 290 -22.30 -39.43 2.98
N ARG B 291 -23.46 -39.82 2.45
CA ARG B 291 -24.53 -38.79 2.36
C ARG B 291 -24.93 -38.36 3.80
N VAL B 292 -24.77 -39.28 4.75
CA VAL B 292 -24.99 -39.00 6.17
C VAL B 292 -23.94 -38.08 6.79
N ILE B 293 -22.67 -38.42 6.62
CA ILE B 293 -21.59 -37.55 7.07
C ILE B 293 -21.75 -36.13 6.51
N SER B 294 -22.16 -36.04 5.25
CA SER B 294 -22.48 -34.75 4.66
C SER B 294 -23.62 -34.10 5.44
N ALA B 295 -24.57 -34.90 5.92
CA ALA B 295 -25.53 -34.30 6.84
C ALA B 295 -24.77 -33.63 7.98
N LEU B 296 -23.99 -34.41 8.72
CA LEU B 296 -23.16 -33.91 9.82
C LEU B 296 -22.39 -32.59 9.57
N LEU B 297 -21.70 -32.51 8.44
CA LEU B 297 -20.99 -31.28 8.09
C LEU B 297 -21.96 -30.14 7.82
N LEU B 298 -23.03 -30.43 7.10
CA LEU B 298 -24.06 -29.44 6.85
C LEU B 298 -24.46 -28.86 8.18
N LEU B 299 -24.61 -29.73 9.17
CA LEU B 299 -25.12 -29.37 10.49
C LEU B 299 -24.16 -28.45 11.23
N GLY B 300 -22.90 -28.87 11.34
CA GLY B 300 -21.90 -27.98 11.90
C GLY B 300 -21.93 -26.61 11.26
N VAL B 301 -21.68 -26.54 9.94
CA VAL B 301 -21.65 -25.23 9.30
C VAL B 301 -22.93 -24.41 9.48
N LEU B 302 -24.08 -25.08 9.56
CA LEU B 302 -25.33 -24.35 9.77
C LEU B 302 -25.28 -23.70 11.15
N ALA B 303 -24.80 -24.49 12.10
CA ALA B 303 -24.70 -24.03 13.48
C ALA B 303 -23.89 -22.75 13.52
N GLU B 304 -22.66 -22.86 13.03
CA GLU B 304 -21.82 -21.67 12.97
C GLU B 304 -22.58 -20.53 12.32
N ILE B 305 -22.99 -20.74 11.07
CA ILE B 305 -23.57 -19.66 10.30
C ILE B 305 -24.64 -18.91 11.08
N ALA B 306 -25.43 -19.61 11.89
CA ALA B 306 -26.41 -18.89 12.71
C ALA B 306 -25.77 -18.23 13.92
N SER B 307 -24.64 -18.76 14.36
CA SER B 307 -23.91 -18.10 15.44
C SER B 307 -23.51 -16.72 14.99
N TRP B 308 -23.17 -16.61 13.70
CA TRP B 308 -22.72 -15.36 13.08
C TRP B 308 -23.80 -14.36 12.67
N ILE B 309 -25.05 -14.80 12.56
CA ILE B 309 -26.12 -13.92 12.06
C ILE B 309 -26.32 -12.71 12.95
N VAL B 310 -25.85 -12.81 14.19
CA VAL B 310 -26.25 -11.87 15.23
C VAL B 310 -25.10 -11.17 15.95
N GLY B 311 -23.93 -11.81 15.99
CA GLY B 311 -22.80 -11.33 16.75
C GLY B 311 -22.09 -10.08 16.24
N PRO B 312 -21.32 -10.22 15.17
CA PRO B 312 -20.50 -9.08 14.76
C PRO B 312 -21.23 -7.73 14.80
N SER B 313 -22.55 -7.70 14.64
CA SER B 313 -23.28 -6.43 14.79
C SER B 313 -23.13 -5.92 16.23
N ARG B 314 -23.55 -6.77 17.16
CA ARG B 314 -23.39 -6.61 18.60
C ARG B 314 -21.99 -6.15 18.93
N GLY B 315 -21.01 -6.71 18.22
CA GLY B 315 -19.62 -6.32 18.39
C GLY B 315 -19.38 -4.89 17.93
N MET B 316 -19.99 -4.54 16.81
CA MET B 316 -19.78 -3.20 16.25
C MET B 316 -20.96 -2.30 16.52
N TYR B 317 -21.54 -2.42 17.70
CA TYR B 317 -22.53 -1.45 18.18
C TYR B 317 -21.77 -0.31 18.88
N VAL B 318 -20.58 -0.68 19.35
CA VAL B 318 -19.69 0.26 19.99
C VAL B 318 -19.72 1.52 19.16
N THR B 319 -19.77 1.37 17.84
CA THR B 319 -19.85 2.52 16.94
C THR B 319 -21.14 3.28 17.08
N ALA B 320 -22.22 2.57 17.42
CA ALA B 320 -23.54 3.20 17.52
C ALA B 320 -23.69 3.98 18.82
N GLN B 321 -23.06 3.48 19.87
CA GLN B 321 -23.06 4.18 21.15
C GLN B 321 -22.07 5.34 21.08
N LYS B 322 -20.78 5.00 21.01
CA LYS B 322 -19.68 5.98 20.95
C LYS B 322 -19.97 7.16 20.00
N ASN B 323 -20.27 8.31 20.58
CA ASN B 323 -20.56 9.52 19.80
C ASN B 323 -21.40 9.16 18.56
N LEU B 324 -22.35 8.25 18.75
CA LEU B 324 -23.33 7.91 17.72
C LEU B 324 -22.80 8.07 16.30
N LEU B 325 -21.76 7.30 15.94
CA LEU B 325 -21.07 7.47 14.67
C LEU B 325 -21.90 7.23 13.40
N PRO B 326 -22.82 6.24 13.42
CA PRO B 326 -23.74 6.07 12.28
C PRO B 326 -25.20 6.48 12.52
N ALA B 327 -25.68 6.41 13.77
CA ALA B 327 -27.10 6.57 14.12
C ALA B 327 -27.95 7.29 13.08
N PHE B 329 -29.83 4.97 14.27
CA PHE B 329 -30.01 3.68 13.60
C PHE B 329 -29.57 2.49 14.47
N ALA B 330 -29.48 2.71 15.76
CA ALA B 330 -29.25 1.62 16.70
C ALA B 330 -30.57 0.95 17.06
N LYS B 331 -30.53 0.03 18.03
CA LYS B 331 -31.74 -0.57 18.58
C LYS B 331 -31.36 -1.72 19.50
N MET B 332 -32.35 -2.21 20.26
CA MET B 332 -32.19 -3.36 21.14
C MET B 332 -33.56 -3.81 21.63
N ASN B 333 -34.25 -4.55 20.77
CA ASN B 333 -35.42 -5.36 21.14
C ASN B 333 -34.92 -6.78 21.40
N LYS B 334 -35.36 -7.39 22.50
CA LYS B 334 -34.71 -8.60 22.97
C LYS B 334 -33.25 -8.18 23.16
N ASN B 335 -32.31 -9.04 22.79
CA ASN B 335 -30.91 -8.64 22.74
C ASN B 335 -30.53 -8.10 21.34
N GLY B 336 -31.02 -8.80 20.31
CA GLY B 336 -31.09 -8.28 18.96
C GLY B 336 -29.89 -7.55 18.40
N VAL B 337 -29.72 -6.28 18.78
CA VAL B 337 -28.78 -5.39 18.09
C VAL B 337 -29.37 -5.03 16.71
N PRO B 338 -30.59 -5.50 16.48
CA PRO B 338 -30.96 -6.10 15.18
C PRO B 338 -31.26 -5.17 14.01
N VAL B 339 -32.55 -4.92 13.82
CA VAL B 339 -33.13 -4.43 12.58
C VAL B 339 -32.04 -3.88 11.70
N THR B 340 -31.58 -2.71 12.09
CA THR B 340 -30.53 -2.04 11.40
C THR B 340 -29.40 -3.02 11.09
N LEU B 341 -28.43 -3.15 12.00
CA LEU B 341 -27.17 -3.85 11.68
C LEU B 341 -27.35 -5.25 11.08
N VAL B 342 -28.12 -6.10 11.75
CA VAL B 342 -28.30 -7.43 11.22
C VAL B 342 -28.85 -7.33 9.80
N ILE B 343 -30.01 -6.67 9.63
CA ILE B 343 -30.66 -6.63 8.32
C ILE B 343 -29.76 -6.08 7.22
N SER B 344 -29.01 -5.03 7.51
CA SER B 344 -28.19 -4.38 6.49
C SER B 344 -26.94 -5.21 6.13
N GLN B 345 -26.42 -5.96 7.10
CA GLN B 345 -25.37 -6.92 6.77
C GLN B 345 -25.98 -8.09 6.01
N LEU B 346 -27.28 -8.29 6.19
CA LEU B 346 -27.97 -9.33 5.46
C LEU B 346 -28.09 -8.92 4.01
N VAL B 347 -28.75 -7.80 3.76
CA VAL B 347 -28.88 -7.30 2.40
C VAL B 347 -27.50 -7.18 1.74
N ILE B 348 -26.51 -6.68 2.49
CA ILE B 348 -25.13 -6.74 2.02
C ILE B 348 -24.76 -8.14 1.51
N THR B 349 -24.77 -9.13 2.40
CA THR B 349 -24.29 -10.45 2.04
C THR B 349 -25.14 -11.10 0.95
N SER B 350 -26.33 -10.56 0.75
CA SER B 350 -27.20 -11.06 -0.28
C SER B 350 -26.89 -10.43 -1.63
N ILE B 351 -26.55 -9.15 -1.64
CA ILE B 351 -26.18 -8.47 -2.88
C ILE B 351 -24.83 -8.98 -3.37
N ALA B 352 -23.91 -9.19 -2.42
CA ALA B 352 -22.64 -9.83 -2.73
C ALA B 352 -22.87 -11.26 -3.16
N LEU B 353 -23.87 -11.91 -2.56
CA LEU B 353 -24.19 -13.29 -2.90
C LEU B 353 -24.68 -13.38 -4.35
N ILE B 354 -25.60 -12.49 -4.73
CA ILE B 354 -26.18 -12.51 -6.06
C ILE B 354 -25.12 -12.18 -7.12
N ILE B 355 -24.51 -11.02 -6.94
CA ILE B 355 -23.46 -10.59 -7.86
C ILE B 355 -22.35 -11.63 -7.99
N LEU B 356 -21.67 -11.91 -6.88
CA LEU B 356 -20.53 -12.81 -6.90
C LEU B 356 -20.92 -14.23 -7.39
N THR B 357 -22.14 -14.66 -7.10
CA THR B 357 -22.57 -16.01 -7.49
C THR B 357 -22.77 -16.04 -9.00
N ASN B 358 -23.19 -14.90 -9.58
CA ASN B 358 -23.56 -14.91 -11.00
C ASN B 358 -22.73 -14.07 -12.03
N THR B 359 -21.41 -14.10 -11.93
CA THR B 359 -20.57 -13.54 -12.97
C THR B 359 -19.19 -14.20 -12.98
N GLY B 360 -18.66 -14.46 -14.16
CA GLY B 360 -17.40 -15.15 -14.28
C GLY B 360 -17.62 -16.64 -14.15
N GLY B 361 -17.53 -17.33 -15.29
CA GLY B 361 -17.79 -18.76 -15.37
C GLY B 361 -17.04 -19.62 -14.36
N GLY B 362 -17.76 -19.97 -13.30
CA GLY B 362 -17.22 -20.82 -12.25
C GLY B 362 -17.90 -20.65 -10.91
N ASN B 363 -18.51 -21.71 -10.41
CA ASN B 363 -18.91 -21.75 -9.02
C ASN B 363 -17.64 -22.09 -8.24
N ASN B 364 -16.52 -22.08 -8.94
CA ASN B 364 -15.22 -22.30 -8.31
C ASN B 364 -14.46 -20.98 -8.23
N MET B 365 -14.73 -20.13 -9.20
CA MET B 365 -14.33 -18.74 -9.11
C MET B 365 -15.18 -18.16 -8.00
N SER B 366 -16.49 -18.07 -8.21
CA SER B 366 -17.37 -17.47 -7.21
C SER B 366 -16.80 -17.66 -5.82
N PHE B 367 -16.45 -18.90 -5.49
CA PHE B 367 -15.80 -19.20 -4.23
C PHE B 367 -14.54 -18.38 -4.03
N LEU B 368 -13.45 -18.83 -4.65
CA LEU B 368 -12.13 -18.24 -4.45
C LEU B 368 -12.12 -16.74 -4.48
N ILE B 369 -12.92 -16.14 -5.36
CA ILE B 369 -13.07 -14.70 -5.35
C ILE B 369 -13.75 -14.23 -4.08
N ALA B 370 -14.69 -15.01 -3.53
CA ALA B 370 -15.31 -14.58 -2.28
C ALA B 370 -14.31 -14.68 -1.14
N LEU B 371 -13.55 -15.77 -1.09
CA LEU B 371 -12.39 -15.78 -0.23
C LEU B 371 -11.58 -14.48 -0.37
N ALA B 372 -10.96 -14.33 -1.53
CA ALA B 372 -10.21 -13.13 -1.81
C ALA B 372 -10.89 -11.90 -1.19
N LEU B 373 -12.11 -11.58 -1.62
CA LEU B 373 -12.75 -10.35 -1.20
C LEU B 373 -12.76 -10.19 0.32
N THR B 374 -13.22 -11.23 1.01
CA THR B 374 -13.13 -11.22 2.47
C THR B 374 -11.71 -10.83 2.90
N VAL B 375 -10.72 -11.57 2.38
CA VAL B 375 -9.32 -11.37 2.74
C VAL B 375 -8.85 -9.89 2.61
N VAL B 376 -9.08 -9.26 1.46
CA VAL B 376 -8.54 -7.91 1.24
C VAL B 376 -9.28 -6.91 2.13
N ILE B 377 -10.61 -7.02 2.18
CA ILE B 377 -11.37 -6.16 3.08
C ILE B 377 -10.77 -6.17 4.49
N TYR B 378 -10.82 -7.31 5.17
CA TYR B 378 -10.32 -7.45 6.55
C TYR B 378 -8.82 -7.08 6.66
N LEU B 379 -8.10 -7.29 5.56
CA LEU B 379 -6.70 -6.88 5.48
C LEU B 379 -6.58 -5.38 5.70
N CYS B 380 -7.56 -4.61 5.26
CA CYS B 380 -7.50 -3.19 5.57
C CYS B 380 -7.37 -2.96 7.07
N ALA B 381 -8.31 -3.54 7.83
CA ALA B 381 -8.23 -3.51 9.27
C ALA B 381 -6.80 -3.84 9.70
N TYR B 382 -6.28 -5.00 9.27
CA TYR B 382 -4.95 -5.40 9.74
C TYR B 382 -3.81 -4.42 9.41
N PHE B 383 -3.94 -3.74 8.27
CA PHE B 383 -3.05 -2.65 7.90
C PHE B 383 -3.07 -1.65 9.00
N MET B 384 -4.25 -1.07 9.22
CA MET B 384 -4.41 -0.14 10.32
C MET B 384 -3.78 -0.66 11.61
N LEU B 385 -4.29 -1.76 12.13
CA LEU B 385 -3.74 -2.38 13.33
C LEU B 385 -2.22 -2.27 13.36
N PHE B 386 -1.57 -2.57 12.23
CA PHE B 386 -0.11 -2.52 12.19
C PHE B 386 0.45 -1.08 12.19
N ILE B 387 0.22 -0.34 11.11
CA ILE B 387 0.65 1.04 10.97
C ILE B 387 0.52 1.73 12.32
N GLY B 388 -0.70 1.67 12.86
CA GLY B 388 -1.02 2.19 14.18
C GLY B 388 -0.16 1.63 15.31
N TYR B 389 0.12 0.33 15.28
CA TYR B 389 0.98 -0.25 16.32
C TYR B 389 2.38 0.34 16.29
N ILE B 390 2.93 0.57 15.10
CA ILE B 390 4.23 1.21 15.04
C ILE B 390 4.10 2.60 15.64
N VAL B 391 3.03 3.30 15.29
CA VAL B 391 2.77 4.62 15.86
C VAL B 391 2.74 4.62 17.40
N LEU B 392 2.22 3.55 18.01
CA LEU B 392 2.27 3.42 19.47
C LEU B 392 3.69 3.13 19.97
N VAL B 393 4.43 2.30 19.25
CA VAL B 393 5.79 2.04 19.66
C VAL B 393 6.64 3.31 19.64
N LEU B 394 6.31 4.24 18.75
CA LEU B 394 7.10 5.46 18.65
C LEU B 394 6.45 6.73 19.20
N LYS B 395 5.25 7.06 18.72
CA LYS B 395 4.62 8.32 19.11
C LYS B 395 4.17 8.32 20.58
N HIS B 396 3.97 7.13 21.15
CA HIS B 396 3.63 6.97 22.56
C HIS B 396 4.57 5.97 23.23
N PRO B 397 5.85 6.33 23.37
CA PRO B 397 6.90 5.39 23.80
C PRO B 397 6.70 4.96 25.24
N ASP B 398 6.03 5.81 26.00
CA ASP B 398 5.74 5.49 27.39
C ASP B 398 4.29 5.04 27.54
N LEU B 399 4.06 3.86 28.11
CA LEU B 399 5.07 2.87 28.50
C LEU B 399 4.31 1.80 29.26
N LYS B 400 3.03 2.10 29.52
CA LYS B 400 2.19 1.43 30.53
C LYS B 400 2.21 -0.12 30.54
N ARG B 401 1.61 -0.73 29.53
CA ARG B 401 1.85 -2.14 29.16
C ARG B 401 1.72 -3.20 30.26
N THR B 402 0.69 -4.04 30.17
CA THR B 402 0.57 -5.21 31.04
C THR B 402 1.26 -6.39 30.38
N PHE B 403 1.81 -6.16 29.19
CA PHE B 403 2.45 -7.19 28.37
C PHE B 403 3.34 -6.61 27.26
N ASN B 404 4.59 -7.08 27.24
CA ASN B 404 5.62 -6.48 26.41
C ASN B 404 6.27 -7.53 25.51
N ILE B 405 6.45 -7.21 24.23
CA ILE B 405 7.13 -8.13 23.33
C ILE B 405 8.59 -8.27 23.69
N PRO B 406 9.16 -9.49 23.59
CA PRO B 406 10.57 -9.71 23.90
C PRO B 406 11.48 -9.30 22.74
N GLY B 407 12.36 -8.33 22.99
CA GLY B 407 13.25 -7.80 21.97
C GLY B 407 13.55 -6.31 22.16
N GLY B 408 13.28 -5.81 23.36
CA GLY B 408 13.51 -4.42 23.69
C GLY B 408 12.56 -3.45 23.01
N LYS B 409 12.81 -3.17 21.73
CA LYS B 409 12.04 -2.21 20.95
C LYS B 409 12.38 -2.38 19.50
N GLY B 410 13.60 -2.84 19.23
CA GLY B 410 14.00 -3.10 17.86
C GLY B 410 13.15 -4.21 17.29
N VAL B 411 13.01 -5.28 18.07
CA VAL B 411 12.26 -6.44 17.62
C VAL B 411 10.76 -6.16 17.53
N LYS B 412 10.26 -5.27 18.39
CA LYS B 412 8.88 -4.80 18.22
C LYS B 412 8.71 -4.28 16.80
N LEU B 413 9.63 -3.40 16.41
CA LEU B 413 9.58 -2.76 15.11
C LEU B 413 9.74 -3.74 13.94
N VAL B 414 10.78 -4.57 13.99
CA VAL B 414 10.98 -5.53 12.91
C VAL B 414 9.82 -6.53 12.77
N VAL B 415 9.31 -7.03 13.89
CA VAL B 415 8.17 -7.95 13.85
C VAL B 415 6.94 -7.28 13.22
N ALA B 416 6.60 -6.09 13.72
CA ALA B 416 5.46 -5.36 13.19
C ALA B 416 5.56 -5.08 11.69
N ILE B 417 6.78 -4.83 11.20
CA ILE B 417 6.91 -4.54 9.77
C ILE B 417 7.02 -5.79 8.90
N VAL B 418 7.39 -6.93 9.50
CA VAL B 418 7.31 -8.23 8.82
C VAL B 418 5.84 -8.56 8.56
N GLY B 419 5.06 -8.41 9.62
CA GLY B 419 3.61 -8.46 9.47
C GLY B 419 3.13 -7.57 8.34
N LEU B 420 3.41 -6.27 8.43
CA LEU B 420 2.90 -5.35 7.41
C LEU B 420 3.26 -5.79 5.99
N LEU B 421 4.51 -6.19 5.80
CA LEU B 421 4.98 -6.67 4.50
C LEU B 421 4.09 -7.79 4.00
N THR B 422 3.96 -8.87 4.79
CA THR B 422 3.19 -10.02 4.30
C THR B 422 1.72 -9.71 4.09
N SER B 423 1.13 -8.86 4.93
CA SER B 423 -0.25 -8.44 4.68
C SER B 423 -0.34 -7.77 3.32
N ILE B 424 0.47 -6.74 3.09
CA ILE B 424 0.51 -6.09 1.78
C ILE B 424 0.54 -7.14 0.66
N MET B 425 1.46 -8.09 0.80
CA MET B 425 1.61 -9.16 -0.17
C MET B 425 0.28 -9.83 -0.46
N ALA B 426 -0.27 -10.46 0.57
CA ALA B 426 -1.58 -11.10 0.49
C ALA B 426 -2.60 -10.21 -0.19
N PHE B 427 -2.45 -8.91 0.00
CA PHE B 427 -3.36 -7.98 -0.65
C PHE B 427 -3.20 -7.95 -2.16
N ILE B 428 -1.98 -7.83 -2.66
CA ILE B 428 -1.84 -7.82 -4.12
C ILE B 428 -2.16 -9.22 -4.64
N VAL B 429 -1.43 -10.20 -4.13
CA VAL B 429 -1.61 -11.60 -4.49
C VAL B 429 -3.08 -12.06 -4.55
N SER B 430 -3.93 -11.50 -3.69
CA SER B 430 -5.36 -11.78 -3.77
C SER B 430 -5.96 -11.47 -5.14
N PHE B 431 -5.24 -10.68 -5.93
CA PHE B 431 -5.70 -10.25 -7.25
C PHE B 431 -4.99 -10.95 -8.41
N LEU B 432 -4.11 -11.90 -8.10
CA LEU B 432 -3.29 -12.57 -9.11
C LEU B 432 -3.72 -14.01 -9.38
N PRO B 433 -4.84 -14.17 -10.09
CA PRO B 433 -5.46 -15.45 -10.41
C PRO B 433 -4.78 -16.07 -11.61
N PRO B 434 -4.81 -17.40 -11.71
CA PRO B 434 -4.34 -18.05 -12.95
C PRO B 434 -5.35 -17.87 -14.07
N ASP B 435 -5.05 -18.42 -15.24
CA ASP B 435 -5.98 -18.31 -16.35
C ASP B 435 -7.17 -19.24 -16.10
N ASN B 436 -7.03 -20.14 -15.13
CA ASN B 436 -8.07 -21.11 -14.77
C ASN B 436 -8.07 -21.55 -13.30
N ILE B 437 -9.09 -21.15 -12.53
CA ILE B 437 -9.31 -21.77 -11.21
C ILE B 437 -10.18 -23.02 -11.35
N GLN B 438 -9.53 -24.17 -11.30
CA GLN B 438 -10.22 -25.44 -11.46
C GLN B 438 -11.05 -25.44 -12.72
N GLY B 439 -10.45 -25.10 -13.85
CA GLY B 439 -11.16 -25.19 -15.11
C GLY B 439 -12.19 -24.10 -15.33
N ASP B 440 -12.92 -23.71 -14.30
CA ASP B 440 -13.81 -22.57 -14.42
C ASP B 440 -12.88 -21.41 -14.38
N SER B 441 -13.08 -20.42 -15.26
CA SER B 441 -12.21 -19.24 -15.26
C SER B 441 -12.45 -18.22 -16.38
N THR B 442 -13.51 -17.43 -16.27
CA THR B 442 -13.71 -16.34 -17.21
C THR B 442 -12.61 -15.32 -16.97
N ASP B 443 -12.07 -15.36 -15.75
CA ASP B 443 -11.20 -14.30 -15.31
C ASP B 443 -11.78 -12.99 -15.86
N MET B 444 -13.03 -12.74 -15.48
CA MET B 444 -13.58 -11.39 -15.31
C MET B 444 -13.33 -11.07 -13.84
N TYR B 445 -12.22 -11.63 -13.33
CA TYR B 445 -11.87 -11.60 -11.92
C TYR B 445 -11.43 -10.19 -11.43
N VAL B 446 -10.23 -9.74 -11.80
CA VAL B 446 -9.69 -8.47 -11.28
C VAL B 446 -10.60 -7.25 -11.45
N GLU B 447 -11.33 -7.21 -12.56
CA GLU B 447 -12.35 -6.18 -12.73
C GLU B 447 -13.35 -6.27 -11.56
N LEU B 448 -13.81 -7.50 -11.30
CA LEU B 448 -14.87 -7.80 -10.31
C LEU B 448 -14.45 -7.65 -8.85
N LEU B 449 -13.39 -8.36 -8.48
CA LEU B 449 -12.78 -8.23 -7.16
C LEU B 449 -12.46 -6.75 -6.89
N VAL B 450 -11.97 -6.01 -7.90
CA VAL B 450 -11.68 -4.59 -7.65
C VAL B 450 -12.88 -3.67 -7.51
N VAL B 451 -13.80 -3.64 -8.47
CA VAL B 451 -14.96 -2.77 -8.27
C VAL B 451 -15.64 -3.12 -6.97
N SER B 452 -15.58 -4.41 -6.64
CA SER B 452 -16.19 -4.93 -5.42
C SER B 452 -15.55 -4.28 -4.21
N PHE B 453 -14.27 -4.60 -4.02
CA PHE B 453 -13.48 -4.13 -2.88
C PHE B 453 -13.43 -2.60 -2.73
N LEU B 454 -13.50 -1.88 -3.84
CA LEU B 454 -13.72 -0.44 -3.77
C LEU B 454 -15.14 -0.08 -3.21
N VAL B 455 -16.20 -0.64 -3.81
CA VAL B 455 -17.53 -0.27 -3.33
C VAL B 455 -17.79 -0.66 -1.88
N VAL B 456 -17.05 -1.64 -1.35
CA VAL B 456 -17.08 -1.85 0.09
C VAL B 456 -16.24 -0.81 0.82
N LEU B 457 -14.99 -0.63 0.42
CA LEU B 457 -14.07 0.26 1.13
C LEU B 457 -14.70 1.62 1.36
N ALA B 458 -15.55 2.05 0.43
CA ALA B 458 -16.23 3.32 0.64
C ALA B 458 -17.07 3.37 1.93
N LEU B 459 -17.78 2.27 2.22
CA LEU B 459 -18.86 2.23 3.22
C LEU B 459 -18.58 2.84 4.59
N PRO B 460 -17.49 2.42 5.26
CA PRO B 460 -17.17 3.05 6.55
C PRO B 460 -16.77 4.53 6.40
N PHE B 461 -16.04 4.88 5.34
CA PHE B 461 -15.71 6.28 5.17
C PHE B 461 -16.97 7.07 4.78
N ILE B 462 -17.64 6.69 3.70
CA ILE B 462 -18.77 7.48 3.21
C ILE B 462 -19.77 7.72 4.31
N LEU B 463 -19.73 6.90 5.35
CA LEU B 463 -20.67 7.01 6.45
C LEU B 463 -20.15 7.94 7.54
N TYR B 464 -19.01 7.59 8.15
CA TYR B 464 -18.49 8.44 9.22
C TYR B 464 -18.48 9.88 8.70
N ALA B 465 -18.21 10.03 7.41
CA ALA B 465 -18.18 11.34 6.77
C ALA B 465 -19.51 12.09 6.85
N VAL B 466 -20.63 11.35 6.81
CA VAL B 466 -21.95 11.98 6.83
C VAL B 466 -22.49 12.24 8.23
N HIS B 467 -22.02 11.48 9.21
CA HIS B 467 -22.47 11.69 10.57
C HIS B 467 -21.56 12.57 11.41
N ASP B 468 -20.98 12.01 12.46
CA ASP B 468 -20.12 12.78 13.36
C ASP B 468 -18.69 12.26 13.36
N HIS B 491 -19.93 -20.25 23.87
CA HIS B 491 -19.51 -18.93 23.37
C HIS B 491 -18.04 -18.95 23.01
N PHE B 492 -17.17 -18.94 24.02
CA PHE B 492 -15.75 -19.11 23.77
C PHE B 492 -15.53 -20.28 22.83
N PHE B 493 -16.63 -20.87 22.36
CA PHE B 493 -16.54 -21.91 21.34
C PHE B 493 -16.82 -21.45 19.92
N LEU B 494 -17.65 -20.41 19.74
CA LEU B 494 -17.86 -19.91 18.39
C LEU B 494 -16.66 -19.04 17.91
N HIS B 495 -16.27 -19.22 16.65
CA HIS B 495 -15.03 -18.66 16.11
C HIS B 495 -14.88 -17.15 16.41
N PRO B 496 -13.65 -16.70 16.71
CA PRO B 496 -13.37 -15.33 17.17
C PRO B 496 -13.79 -14.24 16.20
N ARG B 497 -13.83 -14.55 14.92
CA ARG B 497 -14.20 -13.53 13.94
C ARG B 497 -15.57 -12.93 14.25
N ALA B 498 -16.35 -13.60 15.11
CA ALA B 498 -17.77 -13.25 15.30
C ALA B 498 -18.33 -13.26 16.74
N ARG B 499 -17.47 -13.39 17.75
CA ARG B 499 -17.88 -13.28 19.15
C ARG B 499 -18.55 -11.94 19.48
N SER B 500 -18.08 -11.27 20.52
CA SER B 500 -18.62 -9.93 20.82
C SER B 500 -18.05 -9.11 22.01
N PRO B 501 -16.79 -9.37 22.42
CA PRO B 501 -16.27 -8.67 23.61
C PRO B 501 -16.55 -7.17 23.61
#